data_5Y6O
#
_entry.id   5Y6O
#
_cell.length_a   78.666
_cell.length_b   78.666
_cell.length_c   503.215
_cell.angle_alpha   90.00
_cell.angle_beta   90.00
_cell.angle_gamma   120.00
#
_symmetry.space_group_name_H-M   'P 31 2 1'
#
_entity_poly.entity_id   1
_entity_poly.type   'polypeptide(L)'
_entity_poly.pdbx_seq_one_letter_code
;SSSSGGKKCYKLENEKLFEEFLELCKMQTADHPEVVPFLYNRQQRAHSLFLASAEFCNILSRVLSRARSRPAKLYVYINE
LCTVLKAHSAKKKLNNDPENRIAKKMLLEEIKANLSSDE
;
_entity_poly.pdbx_strand_id   A,B,C,D,E,F,G,H,I
#
# COMPACT_ATOMS: atom_id res chain seq x y z
N LYS A 7 -19.88 -43.24 -36.78
CA LYS A 7 -18.90 -43.95 -35.97
C LYS A 7 -17.52 -43.31 -36.09
N LYS A 8 -17.38 -42.11 -35.53
CA LYS A 8 -16.09 -41.41 -35.57
C LYS A 8 -15.74 -40.64 -34.28
N CYS A 9 -14.55 -40.91 -33.74
CA CYS A 9 -13.90 -39.95 -32.87
C CYS A 9 -12.42 -39.81 -33.25
N TYR A 10 -12.11 -38.65 -33.81
CA TYR A 10 -10.76 -38.26 -34.19
C TYR A 10 -10.11 -37.32 -33.20
N LYS A 11 -10.74 -37.13 -32.05
CA LYS A 11 -10.44 -35.99 -31.19
C LYS A 11 -8.95 -35.69 -30.99
N LEU A 12 -8.16 -36.68 -30.58
CA LEU A 12 -6.74 -36.45 -30.28
C LEU A 12 -5.92 -36.13 -31.53
N GLU A 13 -6.29 -36.72 -32.65
CA GLU A 13 -5.59 -36.44 -33.89
C GLU A 13 -5.87 -34.99 -34.23
N ASN A 14 -7.08 -34.53 -33.91
CA ASN A 14 -7.45 -33.15 -34.16
C ASN A 14 -6.66 -32.18 -33.29
N GLU A 15 -6.61 -32.47 -32.00
CA GLU A 15 -5.86 -31.65 -31.08
C GLU A 15 -4.37 -31.66 -31.35
N LYS A 16 -3.85 -32.76 -31.89
CA LYS A 16 -2.45 -32.83 -32.28
C LYS A 16 -2.30 -31.96 -33.51
N LEU A 17 -3.32 -32.01 -34.36
CA LEU A 17 -3.33 -31.31 -35.63
C LEU A 17 -3.67 -29.83 -35.51
N PHE A 18 -4.24 -29.43 -34.39
CA PHE A 18 -4.53 -28.03 -34.17
C PHE A 18 -3.21 -27.37 -33.87
N GLU A 19 -2.59 -27.79 -32.79
CA GLU A 19 -1.27 -27.32 -32.41
C GLU A 19 -0.23 -27.45 -33.52
N GLU A 20 -0.45 -28.34 -34.47
CA GLU A 20 0.37 -28.39 -35.67
C GLU A 20 0.32 -27.01 -36.26
N PHE A 21 -0.88 -26.63 -36.65
CA PHE A 21 -1.19 -25.35 -37.28
C PHE A 21 -0.94 -24.16 -36.36
N LEU A 22 -1.36 -24.26 -35.11
CA LEU A 22 -1.13 -23.16 -34.18
C LEU A 22 0.35 -22.75 -34.08
N GLU A 23 1.23 -23.72 -33.89
CA GLU A 23 2.66 -23.43 -33.82
C GLU A 23 3.17 -22.93 -35.16
N LEU A 24 2.34 -23.09 -36.18
CA LEU A 24 2.72 -22.54 -37.45
C LEU A 24 2.39 -21.04 -37.40
N CYS A 25 1.35 -20.70 -36.65
CA CYS A 25 0.98 -19.32 -36.49
C CYS A 25 1.93 -18.57 -35.57
N LYS A 26 2.17 -19.11 -34.37
CA LYS A 26 3.02 -18.45 -33.38
C LYS A 26 4.32 -18.01 -33.98
N MET A 27 4.79 -18.76 -34.95
CA MET A 27 6.00 -18.40 -35.68
C MET A 27 5.73 -17.29 -36.68
N GLN A 28 4.62 -17.45 -37.42
CA GLN A 28 4.29 -16.55 -38.52
C GLN A 28 3.56 -15.23 -38.16
N THR A 29 2.57 -15.26 -37.26
CA THR A 29 2.01 -14.00 -36.82
C THR A 29 2.73 -13.69 -35.52
N ALA A 30 3.87 -13.01 -35.66
CA ALA A 30 4.71 -12.63 -34.54
C ALA A 30 4.25 -11.28 -34.05
N ASP A 31 3.98 -10.43 -35.04
CA ASP A 31 3.69 -9.02 -34.83
C ASP A 31 2.33 -8.74 -34.22
N HIS A 32 1.34 -9.60 -34.46
CA HIS A 32 0.01 -9.35 -33.94
C HIS A 32 -0.43 -10.42 -32.96
N PRO A 33 0.05 -10.33 -31.71
CA PRO A 33 -0.28 -11.31 -30.68
C PRO A 33 -1.77 -11.62 -30.59
N GLU A 34 -2.65 -10.69 -30.93
CA GLU A 34 -4.08 -10.93 -30.79
C GLU A 34 -4.57 -12.17 -31.54
N VAL A 35 -3.81 -12.64 -32.52
CA VAL A 35 -4.27 -13.73 -33.39
C VAL A 35 -4.34 -15.07 -32.67
N VAL A 36 -3.19 -15.60 -32.28
CA VAL A 36 -3.09 -16.92 -31.67
C VAL A 36 -4.09 -17.23 -30.53
N PRO A 37 -4.34 -16.26 -29.65
CA PRO A 37 -5.39 -16.50 -28.65
C PRO A 37 -6.80 -16.48 -29.25
N PHE A 38 -6.94 -15.82 -30.39
CA PHE A 38 -8.24 -15.73 -31.04
C PHE A 38 -8.50 -17.05 -31.74
N LEU A 39 -7.44 -17.65 -32.25
CA LEU A 39 -7.54 -18.98 -32.82
C LEU A 39 -7.81 -20.02 -31.76
N TYR A 40 -7.09 -19.94 -30.65
CA TYR A 40 -7.32 -20.90 -29.57
C TYR A 40 -8.73 -20.70 -29.08
N ASN A 41 -9.21 -19.47 -29.16
CA ASN A 41 -10.56 -19.16 -28.74
C ASN A 41 -11.66 -19.89 -29.53
N ARG A 42 -11.69 -19.68 -30.84
CA ARG A 42 -12.75 -20.27 -31.63
C ARG A 42 -12.74 -21.80 -31.49
N GLN A 43 -11.59 -22.36 -31.16
CA GLN A 43 -11.45 -23.80 -30.90
C GLN A 43 -12.24 -24.20 -29.66
N GLN A 44 -11.98 -23.55 -28.54
CA GLN A 44 -12.64 -23.90 -27.28
C GLN A 44 -14.12 -23.51 -27.16
N ARG A 45 -14.56 -22.55 -27.98
CA ARG A 45 -15.95 -22.10 -27.95
C ARG A 45 -16.81 -23.02 -28.81
N ALA A 46 -16.14 -23.83 -29.62
CA ALA A 46 -16.80 -24.71 -30.59
C ALA A 46 -17.22 -26.03 -29.94
N HIS A 47 -18.38 -26.56 -30.35
CA HIS A 47 -18.88 -27.74 -29.63
C HIS A 47 -18.10 -29.03 -29.86
N SER A 48 -17.99 -29.80 -28.79
CA SER A 48 -17.11 -30.95 -28.65
C SER A 48 -17.32 -32.04 -29.70
N LEU A 49 -18.57 -32.18 -30.16
CA LEU A 49 -18.91 -33.13 -31.21
C LEU A 49 -18.00 -32.89 -32.42
N PHE A 50 -18.10 -31.71 -33.00
CA PHE A 50 -17.25 -31.30 -34.11
C PHE A 50 -15.76 -31.44 -33.86
N LEU A 51 -15.27 -30.91 -32.73
CA LEU A 51 -13.84 -30.93 -32.39
C LEU A 51 -13.28 -32.34 -32.37
N ALA A 52 -14.14 -33.30 -32.12
CA ALA A 52 -13.79 -34.71 -32.18
C ALA A 52 -14.18 -35.39 -33.48
N SER A 53 -14.75 -34.65 -34.45
CA SER A 53 -15.29 -35.31 -35.64
C SER A 53 -14.22 -35.62 -36.69
N ALA A 54 -14.59 -36.41 -37.71
CA ALA A 54 -13.67 -36.75 -38.79
C ALA A 54 -13.66 -35.62 -39.80
N GLU A 55 -14.77 -34.90 -39.82
CA GLU A 55 -14.93 -33.75 -40.67
C GLU A 55 -13.85 -32.73 -40.36
N PHE A 56 -13.66 -32.47 -39.07
CA PHE A 56 -12.69 -31.51 -38.59
C PHE A 56 -11.28 -31.96 -38.96
N CYS A 57 -11.05 -33.27 -38.94
CA CYS A 57 -9.74 -33.83 -39.21
C CYS A 57 -9.27 -33.57 -40.64
N ASN A 58 -10.20 -33.64 -41.58
CA ASN A 58 -9.88 -33.41 -42.99
C ASN A 58 -9.70 -31.92 -43.27
N ILE A 59 -10.35 -31.09 -42.45
CA ILE A 59 -10.19 -29.65 -42.51
C ILE A 59 -8.82 -29.19 -42.04
N LEU A 60 -8.43 -29.58 -40.82
CA LEU A 60 -7.09 -29.25 -40.30
C LEU A 60 -6.01 -29.81 -41.21
N SER A 61 -6.32 -30.89 -41.89
CA SER A 61 -5.37 -31.53 -42.80
C SER A 61 -5.25 -30.76 -44.12
N ARG A 62 -6.37 -30.61 -44.83
CA ARG A 62 -6.41 -29.75 -46.01
C ARG A 62 -5.91 -28.33 -45.71
N VAL A 63 -6.07 -27.87 -44.47
CA VAL A 63 -5.47 -26.61 -44.06
C VAL A 63 -3.95 -26.74 -43.91
N LEU A 64 -3.50 -27.69 -43.10
CA LEU A 64 -2.08 -27.89 -42.83
C LEU A 64 -1.30 -28.11 -44.12
N SER A 65 -1.93 -28.79 -45.07
CA SER A 65 -1.34 -29.03 -46.37
C SER A 65 -1.22 -27.73 -47.16
N ARG A 66 -2.26 -26.91 -47.10
CA ARG A 66 -2.26 -25.63 -47.81
C ARG A 66 -1.26 -24.67 -47.18
N ALA A 67 -1.27 -24.60 -45.84
CA ALA A 67 -0.39 -23.72 -45.07
C ALA A 67 1.07 -24.06 -45.33
N ARG A 68 1.35 -25.35 -45.51
CA ARG A 68 2.67 -25.81 -45.89
C ARG A 68 2.92 -25.61 -47.38
N SER A 69 1.98 -26.04 -48.23
CA SER A 69 2.10 -25.89 -49.68
C SER A 69 2.43 -24.45 -50.07
N ARG A 70 1.48 -23.54 -49.87
CA ARG A 70 1.77 -22.12 -49.99
C ARG A 70 1.62 -21.44 -48.64
N PRO A 71 2.74 -21.15 -47.97
CA PRO A 71 2.84 -20.43 -46.69
C PRO A 71 2.54 -18.93 -46.75
N ALA A 72 2.79 -18.32 -47.91
CA ALA A 72 2.67 -16.87 -48.06
C ALA A 72 1.22 -16.44 -47.97
N LYS A 73 0.34 -17.43 -47.97
CA LYS A 73 -1.09 -17.23 -47.85
C LYS A 73 -1.64 -17.45 -46.44
N LEU A 74 -0.77 -17.63 -45.44
CA LEU A 74 -1.20 -18.14 -44.13
C LEU A 74 -2.50 -17.56 -43.59
N TYR A 75 -2.64 -16.23 -43.65
CA TYR A 75 -3.82 -15.55 -43.11
C TYR A 75 -5.15 -15.95 -43.76
N VAL A 76 -5.12 -16.37 -45.03
CA VAL A 76 -6.31 -16.95 -45.65
C VAL A 76 -6.72 -18.18 -44.88
N TYR A 77 -5.74 -19.05 -44.63
CA TYR A 77 -5.98 -20.33 -44.00
C TYR A 77 -6.46 -20.16 -42.56
N ILE A 78 -5.86 -19.19 -41.86
CA ILE A 78 -6.19 -18.90 -40.47
C ILE A 78 -7.62 -18.46 -40.44
N ASN A 79 -7.90 -17.45 -41.25
CA ASN A 79 -9.20 -16.84 -41.27
C ASN A 79 -10.28 -17.84 -41.63
N GLU A 80 -9.95 -18.72 -42.58
CA GLU A 80 -10.82 -19.80 -43.01
C GLU A 80 -11.18 -20.72 -41.85
N LEU A 81 -10.15 -21.12 -41.13
CA LEU A 81 -10.32 -21.98 -39.97
C LEU A 81 -11.15 -21.30 -38.88
N CYS A 82 -10.94 -20.00 -38.73
CA CYS A 82 -11.66 -19.19 -37.75
C CYS A 82 -13.15 -19.08 -38.02
N THR A 83 -13.53 -19.15 -39.30
CA THR A 83 -14.93 -19.12 -39.69
C THR A 83 -15.54 -20.50 -39.45
N VAL A 84 -14.79 -21.52 -39.85
CA VAL A 84 -15.19 -22.92 -39.69
C VAL A 84 -15.42 -23.22 -38.23
N LEU A 85 -14.52 -22.71 -37.40
CA LEU A 85 -14.64 -22.90 -35.98
C LEU A 85 -15.78 -22.07 -35.45
N LYS A 86 -16.08 -20.94 -36.13
CA LYS A 86 -17.17 -20.04 -35.74
C LYS A 86 -18.51 -20.67 -36.06
N ALA A 87 -18.55 -21.41 -37.16
CA ALA A 87 -19.77 -22.07 -37.60
C ALA A 87 -20.23 -23.18 -36.64
N HIS A 88 -19.38 -23.50 -35.65
CA HIS A 88 -19.75 -24.40 -34.58
C HIS A 88 -19.50 -23.67 -33.27
N SER A 89 -20.35 -23.84 -32.24
CA SER A 89 -20.30 -22.95 -31.07
C SER A 89 -21.21 -23.34 -29.90
N ALA A 90 -21.06 -22.61 -28.80
CA ALA A 90 -21.85 -22.81 -27.58
C ALA A 90 -21.46 -21.78 -26.51
N LYS A 91 -22.26 -21.69 -25.45
CA LYS A 91 -21.86 -20.96 -24.24
C LYS A 91 -20.90 -21.83 -23.40
N LYS A 92 -20.13 -21.23 -22.49
CA LYS A 92 -19.15 -22.00 -21.70
C LYS A 92 -19.26 -21.85 -20.16
N LYS A 93 -18.26 -22.41 -19.45
CA LYS A 93 -18.07 -22.25 -17.99
C LYS A 93 -19.11 -22.95 -17.09
N PRO A 98 -14.67 -24.74 -10.33
CA PRO A 98 -14.47 -23.29 -10.13
C PRO A 98 -13.06 -22.96 -9.67
N GLU A 99 -12.41 -23.94 -9.05
CA GLU A 99 -11.09 -23.77 -8.48
C GLU A 99 -10.03 -23.65 -9.56
N ASN A 100 -10.02 -24.59 -10.50
CA ASN A 100 -9.07 -24.60 -11.60
C ASN A 100 -9.24 -23.40 -12.51
N ARG A 101 -10.37 -22.71 -12.38
CA ARG A 101 -10.60 -21.43 -13.03
C ARG A 101 -9.81 -20.39 -12.26
N ILE A 102 -9.96 -20.42 -10.94
CA ILE A 102 -9.26 -19.49 -10.05
C ILE A 102 -7.73 -19.65 -10.16
N ALA A 103 -7.23 -20.85 -9.90
CA ALA A 103 -5.78 -21.07 -9.80
C ALA A 103 -5.02 -20.81 -11.10
N LYS A 104 -5.76 -20.61 -12.19
CA LYS A 104 -5.21 -20.11 -13.45
C LYS A 104 -5.12 -18.59 -13.48
N LYS A 105 -6.13 -17.91 -12.97
CA LYS A 105 -6.09 -16.44 -12.91
C LYS A 105 -4.94 -15.97 -12.04
N MET A 106 -4.84 -16.55 -10.86
CA MET A 106 -3.82 -16.22 -9.89
C MET A 106 -2.41 -16.32 -10.47
N LEU A 107 -2.19 -17.36 -11.31
CA LEU A 107 -0.89 -17.70 -11.90
C LEU A 107 -0.44 -16.74 -13.00
N LEU A 108 -1.32 -16.47 -13.97
CA LEU A 108 -1.01 -15.53 -15.05
C LEU A 108 -0.89 -14.09 -14.54
N GLU A 109 -1.50 -13.82 -13.40
CA GLU A 109 -1.29 -12.54 -12.77
C GLU A 109 0.19 -12.50 -12.38
N GLU A 110 0.66 -13.55 -11.71
CA GLU A 110 2.03 -13.61 -11.23
C GLU A 110 3.01 -13.48 -12.38
N ILE A 111 2.68 -14.09 -13.52
CA ILE A 111 3.53 -14.00 -14.70
C ILE A 111 3.67 -12.56 -15.18
N LYS A 112 2.53 -11.93 -15.49
CA LYS A 112 2.49 -10.54 -15.95
C LYS A 112 3.13 -9.61 -14.92
N ALA A 113 2.90 -9.87 -13.64
CA ALA A 113 3.49 -9.08 -12.58
C ALA A 113 5.01 -9.07 -12.68
N ASN A 114 5.56 -10.07 -13.35
CA ASN A 114 7.02 -10.18 -13.48
C ASN A 114 7.74 -9.68 -14.74
N LEU A 115 7.00 -8.98 -15.59
CA LEU A 115 7.61 -8.28 -16.73
C LEU A 115 7.99 -6.83 -16.36
N LYS B 7 32.53 -34.22 -50.41
CA LYS B 7 31.52 -33.26 -49.96
C LYS B 7 30.75 -33.79 -48.75
N LYS B 8 29.58 -33.20 -48.51
CA LYS B 8 28.55 -33.76 -47.60
C LYS B 8 27.35 -32.81 -47.47
N CYS B 9 26.22 -33.38 -47.04
CA CYS B 9 25.01 -32.60 -46.79
C CYS B 9 24.43 -32.97 -45.41
N TYR B 10 24.41 -31.98 -44.52
CA TYR B 10 24.08 -32.17 -43.10
C TYR B 10 22.64 -31.85 -42.67
N LYS B 11 21.75 -31.62 -43.64
CA LYS B 11 20.45 -30.98 -43.41
C LYS B 11 19.64 -31.44 -42.18
N LEU B 12 19.18 -32.68 -42.14
CA LEU B 12 18.27 -33.09 -41.06
C LEU B 12 18.82 -32.93 -39.64
N GLU B 13 20.14 -32.88 -39.48
CA GLU B 13 20.77 -32.62 -38.18
C GLU B 13 20.76 -31.14 -37.87
N ASN B 14 20.77 -30.34 -38.91
CA ASN B 14 20.67 -28.90 -38.75
C ASN B 14 19.28 -28.39 -38.38
N GLU B 15 18.25 -29.17 -38.69
CA GLU B 15 16.94 -28.83 -38.19
C GLU B 15 16.85 -29.23 -36.73
N LYS B 16 17.54 -30.30 -36.38
CA LYS B 16 17.50 -30.89 -35.05
C LYS B 16 18.32 -30.03 -34.10
N LEU B 17 19.39 -29.44 -34.61
CA LEU B 17 20.23 -28.59 -33.78
C LEU B 17 19.61 -27.22 -33.62
N PHE B 18 18.99 -26.74 -34.69
CA PHE B 18 18.24 -25.48 -34.64
C PHE B 18 17.11 -25.57 -33.65
N GLU B 19 16.15 -26.46 -33.89
CA GLU B 19 14.99 -26.61 -33.01
C GLU B 19 15.36 -26.86 -31.56
N GLU B 20 16.58 -27.33 -31.34
CA GLU B 20 17.02 -27.58 -29.98
C GLU B 20 17.32 -26.25 -29.31
N PHE B 21 17.99 -25.41 -30.07
CA PHE B 21 18.31 -24.04 -29.67
C PHE B 21 17.04 -23.23 -29.59
N LEU B 22 16.34 -23.19 -30.72
CA LEU B 22 15.08 -22.53 -30.87
C LEU B 22 14.15 -22.83 -29.68
N GLU B 23 14.14 -24.05 -29.16
CA GLU B 23 13.34 -24.33 -27.97
C GLU B 23 13.98 -23.88 -26.66
N LEU B 24 15.31 -23.80 -26.65
CA LEU B 24 16.07 -23.37 -25.47
C LEU B 24 15.79 -21.90 -25.26
N CYS B 25 15.70 -21.20 -26.38
CA CYS B 25 15.28 -19.81 -26.45
C CYS B 25 13.82 -19.59 -25.95
N LYS B 26 12.86 -20.41 -26.39
CA LYS B 26 11.48 -20.32 -25.89
C LYS B 26 11.37 -20.33 -24.36
N MET B 27 12.33 -20.98 -23.70
CA MET B 27 12.30 -21.10 -22.26
C MET B 27 12.88 -19.87 -21.57
N GLN B 28 13.99 -19.36 -22.09
CA GLN B 28 14.64 -18.20 -21.49
C GLN B 28 14.37 -16.80 -22.09
N THR B 29 13.74 -16.69 -23.26
CA THR B 29 13.29 -15.38 -23.68
C THR B 29 11.76 -15.40 -23.76
N ALA B 30 11.11 -15.27 -22.61
CA ALA B 30 9.66 -15.43 -22.59
C ALA B 30 8.94 -14.09 -22.43
N ASP B 31 9.71 -13.05 -22.17
CA ASP B 31 9.18 -11.73 -21.92
C ASP B 31 9.21 -11.03 -23.25
N HIS B 32 9.75 -11.73 -24.23
CA HIS B 32 9.94 -11.19 -25.55
C HIS B 32 9.54 -12.17 -26.65
N PRO B 33 8.23 -12.40 -26.79
CA PRO B 33 7.70 -13.32 -27.78
C PRO B 33 8.14 -13.02 -29.22
N GLU B 34 8.74 -11.86 -29.46
CA GLU B 34 9.16 -11.54 -30.81
C GLU B 34 10.52 -12.19 -31.15
N VAL B 35 11.29 -12.56 -30.14
CA VAL B 35 12.63 -13.07 -30.38
C VAL B 35 12.63 -14.35 -31.19
N VAL B 36 11.92 -15.37 -30.68
CA VAL B 36 11.96 -16.68 -31.32
C VAL B 36 11.41 -16.65 -32.74
N PRO B 37 10.18 -16.13 -32.95
CA PRO B 37 9.74 -16.11 -34.35
C PRO B 37 10.69 -15.34 -35.26
N PHE B 38 11.48 -14.45 -34.68
CA PHE B 38 12.44 -13.67 -35.47
C PHE B 38 13.49 -14.65 -35.93
N LEU B 39 14.03 -15.39 -34.96
CA LEU B 39 15.03 -16.44 -35.20
C LEU B 39 14.52 -17.48 -36.17
N TYR B 40 13.35 -18.01 -35.86
CA TYR B 40 12.71 -19.01 -36.70
C TYR B 40 12.70 -18.54 -38.15
N ASN B 41 12.34 -17.29 -38.38
CA ASN B 41 12.27 -16.75 -39.74
C ASN B 41 13.59 -16.32 -40.36
N ARG B 42 14.61 -16.04 -39.54
CA ARG B 42 15.91 -15.69 -40.09
C ARG B 42 16.45 -16.90 -40.81
N GLN B 43 16.09 -18.07 -40.29
CA GLN B 43 16.46 -19.36 -40.86
C GLN B 43 15.65 -19.78 -42.09
N GLN B 44 14.35 -19.48 -42.15
CA GLN B 44 13.58 -19.77 -43.36
C GLN B 44 14.12 -19.00 -44.56
N ARG B 45 14.17 -17.66 -44.46
CA ARG B 45 14.68 -16.78 -45.53
C ARG B 45 16.12 -17.22 -45.90
N ALA B 46 16.75 -17.99 -45.00
CA ALA B 46 18.14 -18.41 -45.16
C ALA B 46 18.36 -19.30 -46.37
N HIS B 47 19.55 -19.19 -46.96
CA HIS B 47 19.84 -19.85 -48.24
C HIS B 47 19.57 -21.34 -48.21
N SER B 48 18.99 -21.77 -49.32
CA SER B 48 18.55 -23.14 -49.55
C SER B 48 19.66 -24.17 -49.20
N LEU B 49 20.85 -23.97 -49.76
CA LEU B 49 21.98 -24.87 -49.53
C LEU B 49 22.72 -24.71 -48.21
N PHE B 50 22.95 -23.48 -47.78
CA PHE B 50 23.66 -23.20 -46.52
C PHE B 50 23.16 -24.02 -45.33
N LEU B 51 21.84 -24.07 -45.17
CA LEU B 51 21.18 -24.84 -44.11
C LEU B 51 21.50 -26.34 -44.11
N ALA B 52 21.87 -26.88 -45.27
CA ALA B 52 22.33 -28.25 -45.37
C ALA B 52 23.82 -28.38 -45.00
N SER B 53 24.57 -27.30 -45.14
CA SER B 53 26.03 -27.33 -45.04
C SER B 53 26.59 -27.71 -43.66
N ALA B 54 27.81 -28.24 -43.68
CA ALA B 54 28.47 -28.69 -42.47
C ALA B 54 28.79 -27.53 -41.54
N GLU B 55 29.19 -26.42 -42.14
CA GLU B 55 29.56 -25.21 -41.41
C GLU B 55 28.42 -24.67 -40.56
N PHE B 56 27.20 -24.72 -41.07
CA PHE B 56 26.05 -24.31 -40.29
C PHE B 56 25.71 -25.30 -39.18
N CYS B 57 26.12 -26.57 -39.36
CA CYS B 57 26.12 -27.57 -38.29
C CYS B 57 27.20 -27.21 -37.28
N ASN B 58 28.36 -26.82 -37.80
CA ASN B 58 29.46 -26.34 -36.99
C ASN B 58 29.11 -25.10 -36.15
N ILE B 59 28.35 -24.18 -36.72
CA ILE B 59 27.87 -23.03 -35.96
C ILE B 59 26.92 -23.48 -34.86
N LEU B 60 25.86 -24.18 -35.26
CA LEU B 60 24.79 -24.55 -34.34
C LEU B 60 25.24 -25.37 -33.12
N SER B 61 26.37 -26.05 -33.26
CA SER B 61 26.92 -26.82 -32.15
C SER B 61 27.58 -25.90 -31.13
N ARG B 62 28.32 -24.90 -31.62
CA ARG B 62 29.01 -23.96 -30.74
C ARG B 62 28.05 -22.99 -30.08
N VAL B 63 27.01 -22.58 -30.81
CA VAL B 63 26.04 -21.69 -30.18
C VAL B 63 25.24 -22.44 -29.12
N LEU B 64 24.87 -23.69 -29.41
CA LEU B 64 24.20 -24.54 -28.42
C LEU B 64 25.12 -24.81 -27.25
N SER B 65 26.40 -24.92 -27.52
CA SER B 65 27.36 -25.30 -26.52
C SER B 65 27.61 -24.17 -25.53
N ARG B 66 27.59 -22.95 -26.06
CA ARG B 66 27.78 -21.75 -25.25
C ARG B 66 26.49 -21.39 -24.54
N ALA B 67 25.37 -21.53 -25.24
CA ALA B 67 24.05 -21.29 -24.65
C ALA B 67 23.73 -22.21 -23.49
N ARG B 68 24.33 -23.39 -23.50
CA ARG B 68 24.24 -24.30 -22.36
C ARG B 68 25.27 -23.97 -21.26
N SER B 69 26.49 -23.63 -21.66
CA SER B 69 27.53 -23.25 -20.71
C SER B 69 27.34 -21.86 -20.05
N ARG B 70 27.13 -20.82 -20.85
CA ARG B 70 26.97 -19.46 -20.32
C ARG B 70 25.62 -18.83 -20.69
N PRO B 71 24.53 -19.24 -20.02
CA PRO B 71 23.21 -18.67 -20.36
C PRO B 71 23.01 -17.19 -19.97
N ALA B 72 23.85 -16.63 -19.11
CA ALA B 72 23.73 -15.21 -18.84
C ALA B 72 24.08 -14.44 -20.12
N LYS B 73 24.68 -15.14 -21.07
CA LYS B 73 25.04 -14.59 -22.37
C LYS B 73 24.10 -14.91 -23.54
N LEU B 74 22.93 -15.49 -23.26
CA LEU B 74 22.03 -16.04 -24.30
C LEU B 74 21.84 -15.16 -25.52
N TYR B 75 21.72 -13.86 -25.29
CA TYR B 75 21.40 -12.92 -26.37
C TYR B 75 22.59 -12.61 -27.23
N VAL B 76 23.80 -12.72 -26.68
CA VAL B 76 24.98 -12.58 -27.51
C VAL B 76 24.82 -13.57 -28.62
N TYR B 77 24.48 -14.81 -28.22
CA TYR B 77 24.31 -15.96 -29.13
C TYR B 77 23.07 -15.89 -30.03
N ILE B 78 21.90 -15.50 -29.50
CA ILE B 78 20.75 -15.34 -30.37
C ILE B 78 21.08 -14.30 -31.43
N ASN B 79 21.77 -13.26 -31.01
CA ASN B 79 22.08 -12.18 -31.92
C ASN B 79 23.02 -12.70 -32.99
N GLU B 80 23.99 -13.49 -32.55
CA GLU B 80 25.07 -13.93 -33.43
C GLU B 80 24.56 -14.90 -34.46
N LEU B 81 23.63 -15.72 -34.02
CA LEU B 81 23.06 -16.71 -34.90
C LEU B 81 22.29 -15.96 -35.95
N CYS B 82 21.75 -14.80 -35.60
CA CYS B 82 20.94 -14.10 -36.57
C CYS B 82 21.77 -13.50 -37.70
N THR B 83 22.92 -12.95 -37.32
CA THR B 83 23.85 -12.37 -38.26
C THR B 83 24.18 -13.35 -39.37
N VAL B 84 24.82 -14.47 -39.02
CA VAL B 84 25.19 -15.51 -40.00
C VAL B 84 23.99 -15.96 -40.82
N LEU B 85 22.86 -16.06 -40.15
CA LEU B 85 21.66 -16.51 -40.79
C LEU B 85 21.11 -15.42 -41.75
N LYS B 86 21.37 -14.15 -41.43
CA LYS B 86 20.89 -13.05 -42.26
C LYS B 86 21.80 -12.94 -43.48
N ALA B 87 23.10 -13.08 -43.22
CA ALA B 87 24.11 -12.98 -44.25
C ALA B 87 23.83 -13.92 -45.41
N HIS B 88 23.12 -15.02 -45.16
CA HIS B 88 22.74 -15.98 -46.22
C HIS B 88 21.23 -16.00 -46.43
N SER B 89 20.79 -15.45 -47.56
CA SER B 89 19.38 -15.11 -47.71
C SER B 89 18.89 -15.30 -49.13
N ALA B 90 17.65 -15.76 -49.24
CA ALA B 90 16.88 -15.58 -50.46
C ALA B 90 16.63 -14.09 -50.80
N LYS B 91 15.82 -13.43 -49.95
CA LYS B 91 15.05 -12.22 -50.26
C LYS B 91 13.68 -12.57 -50.89
N LYS B 92 13.46 -13.87 -51.14
CA LYS B 92 12.17 -14.34 -51.62
C LYS B 92 11.08 -14.10 -50.57
N ASP B 97 1.55 -12.37 -53.02
CA ASP B 97 0.49 -12.76 -52.08
C ASP B 97 -0.57 -11.67 -51.97
N PRO B 98 -1.26 -11.33 -53.09
CA PRO B 98 -2.25 -10.25 -53.08
C PRO B 98 -3.46 -10.61 -52.21
N GLU B 99 -3.84 -11.88 -52.23
CA GLU B 99 -4.96 -12.40 -51.45
C GLU B 99 -4.72 -12.29 -49.95
N ASN B 100 -3.47 -12.39 -49.53
CA ASN B 100 -3.16 -12.38 -48.10
C ASN B 100 -3.49 -11.07 -47.40
N ARG B 101 -3.31 -9.94 -48.10
CA ARG B 101 -3.46 -8.59 -47.51
C ARG B 101 -4.87 -8.40 -46.95
N ILE B 102 -5.85 -8.79 -47.76
CA ILE B 102 -7.27 -8.72 -47.40
C ILE B 102 -7.58 -9.62 -46.21
N ALA B 103 -7.15 -10.88 -46.31
CA ALA B 103 -7.37 -11.88 -45.27
C ALA B 103 -6.72 -11.46 -43.95
N LYS B 104 -5.50 -10.98 -44.02
CA LYS B 104 -4.85 -10.46 -42.81
C LYS B 104 -5.63 -9.30 -42.24
N LYS B 105 -6.02 -8.36 -43.11
CA LYS B 105 -6.71 -7.15 -42.69
C LYS B 105 -8.09 -7.45 -42.13
N MET B 106 -8.90 -8.18 -42.89
CA MET B 106 -10.26 -8.46 -42.45
C MET B 106 -10.28 -9.27 -41.16
N LEU B 107 -9.28 -10.15 -41.00
CA LEU B 107 -9.12 -10.97 -39.79
C LEU B 107 -8.67 -10.10 -38.60
N LEU B 108 -7.67 -9.26 -38.84
CA LEU B 108 -7.23 -8.32 -37.83
C LEU B 108 -8.39 -7.42 -37.37
N GLU B 109 -9.23 -7.03 -38.32
CA GLU B 109 -10.33 -6.13 -38.04
C GLU B 109 -11.51 -6.84 -37.36
N GLU B 110 -11.73 -8.09 -37.74
CA GLU B 110 -12.71 -8.94 -37.07
C GLU B 110 -12.33 -9.07 -35.60
N ILE B 111 -11.02 -9.21 -35.36
CA ILE B 111 -10.49 -9.40 -34.01
C ILE B 111 -10.61 -8.13 -33.19
N LYS B 112 -10.28 -6.99 -33.80
CA LYS B 112 -10.46 -5.69 -33.15
C LYS B 112 -11.94 -5.47 -32.85
N ALA B 113 -12.79 -5.81 -33.82
CA ALA B 113 -14.23 -5.71 -33.63
C ALA B 113 -14.75 -6.68 -32.57
N ASN B 114 -14.10 -7.84 -32.45
CA ASN B 114 -14.50 -8.83 -31.44
C ASN B 114 -14.29 -8.29 -30.02
N LEU B 115 -13.63 -7.14 -29.90
CA LEU B 115 -13.44 -6.46 -28.62
C LEU B 115 -14.76 -5.89 -28.08
N LYS C 8 21.37 -42.25 -1.43
CA LYS C 8 19.97 -41.87 -1.61
C LYS C 8 19.81 -40.57 -2.43
N CYS C 9 20.44 -40.53 -3.62
CA CYS C 9 20.38 -39.36 -4.52
C CYS C 9 19.42 -39.58 -5.69
N TYR C 10 18.32 -38.84 -5.70
CA TYR C 10 17.21 -39.09 -6.62
C TYR C 10 17.16 -38.24 -7.91
N LYS C 11 18.22 -37.47 -8.15
CA LYS C 11 18.28 -36.43 -9.20
C LYS C 11 17.72 -36.79 -10.58
N LEU C 12 18.36 -37.72 -11.29
CA LEU C 12 17.97 -38.03 -12.67
C LEU C 12 16.54 -38.59 -12.72
N GLU C 13 16.13 -39.16 -11.60
CA GLU C 13 14.79 -39.74 -11.46
C GLU C 13 13.78 -38.62 -11.45
N ASN C 14 14.17 -37.50 -10.84
CA ASN C 14 13.32 -36.32 -10.72
C ASN C 14 13.15 -35.53 -12.03
N GLU C 15 14.25 -35.32 -12.75
CA GLU C 15 14.23 -34.67 -14.07
C GLU C 15 13.26 -35.35 -15.06
N LYS C 16 13.28 -36.68 -15.06
CA LYS C 16 12.45 -37.45 -15.98
C LYS C 16 11.00 -37.22 -15.60
N LEU C 17 10.76 -37.20 -14.29
CA LEU C 17 9.46 -36.93 -13.74
C LEU C 17 8.98 -35.51 -14.07
N PHE C 18 9.83 -34.51 -13.87
CA PHE C 18 9.45 -33.14 -14.19
C PHE C 18 9.19 -32.97 -15.68
N GLU C 19 10.09 -33.51 -16.50
CA GLU C 19 10.02 -33.21 -17.92
C GLU C 19 8.80 -33.87 -18.49
N GLU C 20 8.30 -34.86 -17.76
CA GLU C 20 7.03 -35.50 -18.09
C GLU C 20 5.94 -34.49 -17.86
N PHE C 21 5.94 -33.93 -16.66
CA PHE C 21 4.94 -32.94 -16.25
C PHE C 21 5.04 -31.73 -17.17
N LEU C 22 6.26 -31.26 -17.37
CA LEU C 22 6.51 -30.08 -18.19
C LEU C 22 5.86 -30.30 -19.54
N GLU C 23 6.04 -31.50 -20.07
CA GLU C 23 5.54 -31.83 -21.40
C GLU C 23 4.03 -31.99 -21.44
N LEU C 24 3.48 -32.47 -20.33
CA LEU C 24 2.04 -32.55 -20.15
C LEU C 24 1.49 -31.15 -20.29
N CYS C 25 2.23 -30.22 -19.70
CA CYS C 25 1.84 -28.81 -19.67
C CYS C 25 1.99 -28.13 -21.03
N LYS C 26 3.07 -28.44 -21.75
CA LYS C 26 3.29 -27.88 -23.09
C LYS C 26 2.07 -28.11 -23.97
N MET C 27 1.49 -29.30 -23.81
CA MET C 27 0.41 -29.79 -24.66
C MET C 27 -0.87 -29.03 -24.37
N GLN C 28 -1.36 -29.17 -23.13
CA GLN C 28 -2.61 -28.52 -22.73
C GLN C 28 -2.58 -27.00 -22.80
N THR C 29 -1.61 -26.43 -22.09
CA THR C 29 -1.54 -25.00 -21.80
C THR C 29 -0.82 -24.18 -22.87
N ALA C 30 -0.49 -24.78 -24.01
CA ALA C 30 0.14 -24.06 -25.14
C ALA C 30 -0.73 -22.87 -25.54
N ASP C 31 -1.98 -22.92 -25.09
CA ASP C 31 -2.91 -21.82 -25.03
C ASP C 31 -2.24 -20.56 -24.50
N HIS C 32 -1.85 -20.59 -23.24
CA HIS C 32 -1.09 -19.51 -22.64
C HIS C 32 0.38 -19.95 -22.62
N PRO C 33 1.20 -19.38 -23.51
CA PRO C 33 2.62 -19.73 -23.67
C PRO C 33 3.51 -19.26 -22.53
N GLU C 34 3.04 -18.28 -21.75
CA GLU C 34 3.82 -17.68 -20.66
C GLU C 34 4.11 -18.70 -19.57
N VAL C 35 3.22 -19.70 -19.48
CA VAL C 35 3.12 -20.60 -18.34
C VAL C 35 4.29 -21.57 -18.34
N VAL C 36 4.41 -22.33 -19.41
CA VAL C 36 5.43 -23.37 -19.48
C VAL C 36 6.87 -22.90 -19.15
N PRO C 37 7.35 -21.81 -19.80
CA PRO C 37 8.68 -21.37 -19.42
C PRO C 37 8.70 -20.76 -18.02
N PHE C 38 7.54 -20.39 -17.49
CA PHE C 38 7.52 -20.00 -16.10
C PHE C 38 7.94 -21.15 -15.22
N LEU C 39 7.13 -22.20 -15.23
CA LEU C 39 7.38 -23.46 -14.53
C LEU C 39 8.79 -23.97 -14.75
N TYR C 40 9.22 -23.95 -16.01
CA TYR C 40 10.57 -24.33 -16.36
C TYR C 40 11.58 -23.58 -15.52
N ASN C 41 11.39 -22.27 -15.41
CA ASN C 41 12.36 -21.43 -14.71
C ASN C 41 12.25 -21.49 -13.18
N ARG C 42 11.05 -21.73 -12.67
CA ARG C 42 10.90 -21.93 -11.23
C ARG C 42 11.61 -23.22 -10.82
N GLN C 43 11.66 -24.19 -11.73
CA GLN C 43 12.44 -25.42 -11.54
C GLN C 43 13.92 -25.16 -11.69
N GLN C 44 14.31 -24.40 -12.69
CA GLN C 44 15.71 -24.04 -12.88
C GLN C 44 16.29 -23.17 -11.76
N ARG C 45 15.47 -22.26 -11.23
CA ARG C 45 15.91 -21.32 -10.21
C ARG C 45 15.86 -22.07 -8.86
N ALA C 46 15.42 -23.33 -8.89
CA ALA C 46 15.27 -24.15 -7.67
C ALA C 46 16.57 -24.65 -7.06
N HIS C 47 16.47 -25.33 -5.92
CA HIS C 47 17.66 -25.54 -5.12
C HIS C 47 18.67 -26.54 -5.64
N SER C 48 19.93 -26.22 -5.33
CA SER C 48 21.07 -27.04 -5.68
C SER C 48 20.81 -28.52 -5.29
N LEU C 49 20.23 -28.73 -4.10
CA LEU C 49 20.06 -30.06 -3.48
C LEU C 49 18.66 -30.69 -3.63
N PHE C 50 17.67 -30.02 -3.05
CA PHE C 50 16.28 -30.50 -2.96
C PHE C 50 15.80 -31.08 -4.28
N LEU C 51 16.38 -30.58 -5.37
CA LEU C 51 16.13 -31.08 -6.72
C LEU C 51 16.57 -32.54 -6.91
N ALA C 52 17.54 -32.98 -6.11
CA ALA C 52 17.73 -34.43 -5.94
C ALA C 52 17.39 -34.74 -4.51
N SER C 53 16.17 -35.22 -4.31
CA SER C 53 15.76 -35.61 -2.99
C SER C 53 14.57 -36.53 -3.17
N ALA C 54 14.33 -37.36 -2.17
CA ALA C 54 13.20 -38.27 -2.21
C ALA C 54 11.96 -37.47 -1.91
N GLU C 55 12.14 -36.36 -1.19
CA GLU C 55 11.00 -35.51 -0.89
C GLU C 55 10.45 -34.86 -2.17
N PHE C 56 11.33 -34.25 -2.97
CA PHE C 56 10.89 -33.66 -4.22
C PHE C 56 10.41 -34.75 -5.20
N CYS C 57 10.88 -35.97 -4.99
CA CYS C 57 10.46 -37.09 -5.83
C CYS C 57 9.01 -37.49 -5.55
N ASN C 58 8.62 -37.58 -4.28
CA ASN C 58 7.24 -37.88 -3.92
C ASN C 58 6.28 -36.83 -4.48
N ILE C 59 6.64 -35.56 -4.27
CA ILE C 59 5.84 -34.41 -4.72
C ILE C 59 5.57 -34.51 -6.21
N LEU C 60 6.66 -34.57 -6.97
CA LEU C 60 6.57 -34.56 -8.41
C LEU C 60 5.78 -35.77 -8.90
N SER C 61 5.73 -36.82 -8.08
CA SER C 61 4.96 -38.00 -8.44
C SER C 61 3.47 -37.87 -8.14
N ARG C 62 3.13 -37.30 -6.98
CA ARG C 62 1.72 -37.15 -6.61
C ARG C 62 1.05 -36.10 -7.49
N VAL C 63 1.82 -35.11 -7.91
CA VAL C 63 1.27 -34.08 -8.77
C VAL C 63 1.16 -34.56 -10.18
N LEU C 64 1.99 -35.54 -10.53
CA LEU C 64 1.89 -36.24 -11.81
C LEU C 64 0.78 -37.27 -11.73
N SER C 65 0.51 -37.76 -10.52
CA SER C 65 -0.63 -38.64 -10.29
C SER C 65 -1.95 -37.92 -10.59
N ARG C 66 -2.17 -36.76 -9.96
CA ARG C 66 -3.46 -36.07 -10.09
C ARG C 66 -3.55 -35.10 -11.27
N ALA C 67 -2.42 -34.76 -11.88
CA ALA C 67 -2.45 -34.07 -13.17
C ALA C 67 -2.96 -35.07 -14.18
N ARG C 68 -2.62 -36.33 -13.94
CA ARG C 68 -3.16 -37.44 -14.71
C ARG C 68 -4.57 -37.78 -14.23
N SER C 69 -4.71 -38.13 -12.94
CA SER C 69 -5.99 -38.57 -12.37
C SER C 69 -7.17 -37.63 -12.68
N ARG C 70 -7.05 -36.37 -12.26
CA ARG C 70 -8.09 -35.39 -12.54
C ARG C 70 -7.48 -34.28 -13.37
N PRO C 71 -7.43 -34.48 -14.69
CA PRO C 71 -6.79 -33.43 -15.49
C PRO C 71 -7.73 -32.36 -16.05
N ALA C 72 -8.73 -31.93 -15.28
CA ALA C 72 -9.40 -30.65 -15.53
C ALA C 72 -9.02 -29.68 -14.43
N LYS C 73 -8.37 -30.22 -13.41
CA LYS C 73 -7.95 -29.50 -12.21
C LYS C 73 -6.50 -29.12 -12.30
N LEU C 74 -5.94 -29.25 -13.51
CA LEU C 74 -4.52 -29.03 -13.80
C LEU C 74 -3.86 -27.81 -13.14
N TYR C 75 -4.32 -26.61 -13.49
CA TYR C 75 -3.67 -25.38 -13.05
C TYR C 75 -3.45 -25.32 -11.56
N VAL C 76 -4.34 -25.94 -10.80
CA VAL C 76 -4.08 -26.17 -9.38
C VAL C 76 -2.67 -26.77 -9.21
N TYR C 77 -2.49 -27.93 -9.81
CA TYR C 77 -1.27 -28.71 -9.69
C TYR C 77 -0.05 -27.96 -10.25
N ILE C 78 -0.28 -27.10 -11.25
CA ILE C 78 0.80 -26.25 -11.73
C ILE C 78 1.14 -25.18 -10.70
N ASN C 79 0.15 -24.74 -9.93
CA ASN C 79 0.46 -23.83 -8.83
C ASN C 79 1.29 -24.50 -7.75
N GLU C 80 0.79 -25.65 -7.29
CA GLU C 80 1.39 -26.39 -6.19
C GLU C 80 2.84 -26.72 -6.48
N LEU C 81 3.11 -27.13 -7.72
CA LEU C 81 4.46 -27.44 -8.14
C LEU C 81 5.28 -26.17 -8.18
N CYS C 82 4.64 -25.07 -8.57
CA CYS C 82 5.33 -23.79 -8.65
C CYS C 82 5.69 -23.31 -7.29
N THR C 83 4.72 -23.37 -6.39
CA THR C 83 4.94 -22.92 -5.03
C THR C 83 6.07 -23.69 -4.36
N VAL C 84 6.07 -25.01 -4.54
CA VAL C 84 7.11 -25.87 -3.99
C VAL C 84 8.50 -25.52 -4.55
N LEU C 85 8.57 -25.29 -5.86
CA LEU C 85 9.78 -24.80 -6.47
C LEU C 85 10.05 -23.33 -6.10
N LYS C 86 8.98 -22.57 -5.86
CA LYS C 86 9.11 -21.18 -5.45
C LYS C 86 9.72 -21.16 -4.06
N ALA C 87 9.36 -22.15 -3.26
CA ALA C 87 9.80 -22.19 -1.88
C ALA C 87 11.19 -22.80 -1.71
N HIS C 88 11.84 -23.15 -2.82
CA HIS C 88 13.24 -23.57 -2.79
C HIS C 88 13.97 -22.83 -3.93
N SER C 89 14.91 -21.94 -3.60
CA SER C 89 15.47 -21.05 -4.64
C SER C 89 17.00 -20.81 -4.80
N ALA C 90 17.57 -20.10 -3.84
CA ALA C 90 18.72 -19.19 -4.04
C ALA C 90 18.51 -17.87 -4.82
N LYS C 91 19.41 -17.59 -5.77
CA LYS C 91 19.91 -16.22 -5.96
C LYS C 91 20.47 -15.90 -7.35
N LYS C 92 21.38 -14.94 -7.36
CA LYS C 92 22.38 -14.78 -8.43
C LYS C 92 22.08 -13.87 -9.61
N LYS C 93 20.91 -13.22 -9.59
CA LYS C 93 20.56 -12.16 -10.55
C LYS C 93 21.73 -11.47 -11.25
N ASN C 96 22.52 -9.47 -14.67
CA ASN C 96 23.21 -8.40 -15.40
C ASN C 96 24.63 -8.79 -15.86
N ASP C 97 24.79 -9.09 -17.15
CA ASP C 97 26.10 -9.15 -17.76
C ASP C 97 26.29 -8.15 -18.91
N PRO C 98 27.27 -7.24 -18.80
CA PRO C 98 27.36 -6.09 -19.72
C PRO C 98 27.21 -6.38 -21.22
N GLU C 99 27.87 -7.42 -21.73
CA GLU C 99 27.78 -7.73 -23.16
C GLU C 99 26.42 -8.28 -23.59
N ASN C 100 25.76 -9.02 -22.70
CA ASN C 100 24.45 -9.62 -23.00
C ASN C 100 23.30 -8.62 -22.85
N ARG C 101 23.59 -7.45 -22.25
CA ARG C 101 22.60 -6.38 -22.20
C ARG C 101 22.53 -5.58 -23.49
N ILE C 102 23.69 -5.34 -24.06
CA ILE C 102 23.79 -4.72 -25.38
C ILE C 102 23.12 -5.58 -26.43
N ALA C 103 23.56 -6.84 -26.52
CA ALA C 103 23.10 -7.78 -27.52
C ALA C 103 21.60 -7.87 -27.47
N LYS C 104 21.07 -7.96 -26.26
CA LYS C 104 19.64 -8.09 -26.09
C LYS C 104 18.89 -6.92 -26.70
N LYS C 105 19.26 -5.70 -26.27
CA LYS C 105 18.54 -4.49 -26.65
C LYS C 105 18.76 -4.11 -28.11
N MET C 106 19.94 -4.38 -28.64
CA MET C 106 20.25 -4.13 -30.04
C MET C 106 19.37 -4.96 -30.96
N LEU C 107 19.27 -6.24 -30.62
CA LEU C 107 18.47 -7.22 -31.35
C LEU C 107 17.02 -6.84 -31.21
N LEU C 108 16.57 -6.76 -29.96
CA LEU C 108 15.17 -6.55 -29.62
C LEU C 108 14.60 -5.39 -30.45
N GLU C 109 15.38 -4.31 -30.50
CA GLU C 109 15.03 -3.08 -31.22
C GLU C 109 15.06 -3.25 -32.74
N GLU C 110 15.88 -4.19 -33.20
CA GLU C 110 16.00 -4.48 -34.63
C GLU C 110 14.83 -5.33 -35.08
N ILE C 111 14.29 -6.11 -34.15
CA ILE C 111 13.07 -6.86 -34.41
C ILE C 111 11.93 -5.88 -34.56
N LYS C 112 11.86 -4.90 -33.66
CA LYS C 112 10.88 -3.81 -33.77
C LYS C 112 11.00 -3.03 -35.10
N ALA C 113 12.22 -2.67 -35.47
CA ALA C 113 12.49 -2.01 -36.77
C ALA C 113 12.20 -2.90 -37.98
N ASN C 114 11.88 -4.16 -37.74
CA ASN C 114 11.43 -5.05 -38.79
C ASN C 114 9.99 -4.69 -39.16
N LEU C 115 9.26 -4.17 -38.17
CA LEU C 115 7.86 -3.77 -38.33
C LEU C 115 7.67 -2.59 -39.32
N CYS D 9 -26.54 5.30 16.04
CA CYS D 9 -25.76 4.08 15.80
C CYS D 9 -24.26 4.35 15.90
N TYR D 10 -23.59 3.49 16.67
CA TYR D 10 -22.22 3.70 17.15
C TYR D 10 -21.08 2.99 16.40
N LYS D 11 -21.39 2.37 15.27
CA LYS D 11 -20.50 1.38 14.66
C LYS D 11 -19.03 1.73 14.65
N LEU D 12 -18.68 2.93 14.21
CA LEU D 12 -17.27 3.24 14.05
C LEU D 12 -16.51 3.51 15.35
N GLU D 13 -17.26 3.81 16.42
CA GLU D 13 -16.66 3.87 17.76
C GLU D 13 -16.55 2.48 18.42
N ASN D 14 -17.54 1.62 18.20
CA ASN D 14 -17.47 0.24 18.70
C ASN D 14 -16.33 -0.54 18.03
N GLU D 15 -16.06 -0.19 16.78
CA GLU D 15 -15.01 -0.79 15.97
C GLU D 15 -13.67 -0.23 16.41
N LYS D 16 -13.69 1.01 16.86
CA LYS D 16 -12.49 1.68 17.38
C LYS D 16 -12.23 1.30 18.84
N LEU D 17 -13.28 0.94 19.56
CA LEU D 17 -13.14 0.47 20.94
C LEU D 17 -12.81 -1.02 21.04
N PHE D 18 -13.13 -1.77 20.00
CA PHE D 18 -12.88 -3.19 20.00
C PHE D 18 -11.42 -3.50 19.68
N GLU D 19 -10.84 -2.79 18.70
CA GLU D 19 -9.43 -2.96 18.38
C GLU D 19 -8.62 -2.32 19.47
N GLU D 20 -9.25 -1.45 20.24
CA GLU D 20 -8.54 -0.84 21.35
C GLU D 20 -8.44 -1.87 22.43
N PHE D 21 -9.45 -2.72 22.51
CA PHE D 21 -9.46 -3.84 23.45
C PHE D 21 -8.65 -5.02 22.95
N LEU D 22 -8.73 -5.30 21.64
CA LEU D 22 -7.92 -6.36 21.07
C LEU D 22 -6.46 -6.13 21.38
N GLU D 23 -5.93 -4.94 21.12
CA GLU D 23 -4.51 -4.70 21.37
C GLU D 23 -4.16 -4.64 22.86
N LEU D 24 -5.18 -4.58 23.71
CA LEU D 24 -4.98 -4.62 25.15
C LEU D 24 -4.79 -6.06 25.57
N CYS D 25 -5.46 -6.95 24.86
CA CYS D 25 -5.30 -8.38 25.05
C CYS D 25 -4.01 -8.91 24.42
N LYS D 26 -3.76 -8.57 23.16
CA LYS D 26 -2.57 -9.06 22.46
C LYS D 26 -1.34 -8.89 23.32
N MET D 27 -1.32 -7.83 24.11
CA MET D 27 -0.19 -7.53 24.97
C MET D 27 -0.18 -8.33 26.26
N GLN D 28 -1.35 -8.44 26.88
CA GLN D 28 -1.47 -9.08 28.19
C GLN D 28 -1.69 -10.59 28.21
N THR D 29 -2.13 -11.19 27.10
CA THR D 29 -2.05 -12.64 26.98
C THR D 29 -1.08 -12.99 25.85
N ALA D 30 0.19 -13.12 26.19
CA ALA D 30 1.19 -13.55 25.21
C ALA D 30 1.45 -15.02 25.50
N ASP D 31 0.78 -15.51 26.54
CA ASP D 31 0.86 -16.89 26.98
C ASP D 31 0.13 -17.77 25.99
N HIS D 32 -1.03 -17.32 25.56
CA HIS D 32 -1.93 -18.14 24.77
C HIS D 32 -2.43 -17.40 23.53
N PRO D 33 -1.72 -17.53 22.43
CA PRO D 33 -2.08 -16.96 21.13
C PRO D 33 -3.44 -17.38 20.60
N GLU D 34 -4.06 -18.38 21.21
CA GLU D 34 -5.42 -18.78 20.79
C GLU D 34 -6.49 -17.73 21.14
N VAL D 35 -6.20 -16.91 22.16
CA VAL D 35 -7.20 -16.02 22.78
C VAL D 35 -7.59 -14.82 21.95
N VAL D 36 -6.64 -14.10 21.38
CA VAL D 36 -7.03 -12.93 20.61
C VAL D 36 -7.89 -13.26 19.37
N PRO D 37 -7.44 -14.22 18.52
CA PRO D 37 -8.27 -14.45 17.33
C PRO D 37 -9.57 -15.16 17.71
N PHE D 38 -9.62 -15.73 18.90
CA PHE D 38 -10.86 -16.30 19.39
C PHE D 38 -11.85 -15.17 19.58
N LEU D 39 -11.43 -14.14 20.30
CA LEU D 39 -12.24 -12.95 20.62
C LEU D 39 -12.63 -12.20 19.36
N TYR D 40 -11.66 -12.06 18.45
CA TYR D 40 -11.88 -11.38 17.18
C TYR D 40 -13.01 -12.04 16.43
N ASN D 41 -12.99 -13.37 16.42
CA ASN D 41 -13.99 -14.12 15.70
C ASN D 41 -15.31 -14.07 16.43
N ARG D 42 -15.27 -14.13 17.75
CA ARG D 42 -16.51 -14.03 18.52
C ARG D 42 -17.20 -12.69 18.28
N GLN D 43 -16.48 -11.72 17.72
CA GLN D 43 -17.09 -10.50 17.16
C GLN D 43 -17.67 -10.69 15.76
N GLN D 44 -16.89 -11.26 14.85
CA GLN D 44 -17.27 -11.34 13.45
C GLN D 44 -18.58 -12.14 13.25
N ARG D 45 -18.82 -13.10 14.15
CA ARG D 45 -20.01 -13.94 14.06
C ARG D 45 -21.29 -13.20 14.54
N ALA D 46 -21.12 -12.08 15.24
CA ALA D 46 -22.26 -11.29 15.71
C ALA D 46 -22.88 -10.45 14.57
N HIS D 47 -24.18 -10.18 14.66
CA HIS D 47 -24.88 -9.52 13.54
C HIS D 47 -24.76 -7.98 13.45
N SER D 48 -24.96 -7.47 12.23
CA SER D 48 -24.76 -6.08 11.85
C SER D 48 -25.40 -5.06 12.78
N LEU D 49 -26.68 -5.26 13.09
CA LEU D 49 -27.41 -4.28 13.88
C LEU D 49 -26.84 -4.08 15.28
N PHE D 50 -26.49 -5.17 15.97
CA PHE D 50 -25.92 -5.06 17.32
C PHE D 50 -24.55 -4.41 17.31
N LEU D 51 -23.67 -4.85 16.41
CA LEU D 51 -22.29 -4.37 16.40
C LEU D 51 -22.18 -2.84 16.26
N ALA D 52 -23.24 -2.20 15.79
CA ALA D 52 -23.36 -0.75 15.74
C ALA D 52 -24.14 -0.16 16.91
N SER D 53 -24.54 -1.00 17.86
CA SER D 53 -25.46 -0.58 18.93
C SER D 53 -24.89 0.33 20.03
N ALA D 54 -25.73 1.24 20.52
CA ALA D 54 -25.37 2.04 21.67
C ALA D 54 -25.22 1.16 22.92
N GLU D 55 -25.69 -0.08 22.82
CA GLU D 55 -25.60 -1.03 23.91
C GLU D 55 -24.21 -1.63 24.00
N PHE D 56 -23.67 -2.00 22.86
CA PHE D 56 -22.38 -2.66 22.78
C PHE D 56 -21.28 -1.65 23.06
N CYS D 57 -21.54 -0.40 22.66
CA CYS D 57 -20.69 0.74 22.93
C CYS D 57 -20.38 0.88 24.41
N ASN D 58 -21.43 0.82 25.23
CA ASN D 58 -21.31 1.01 26.66
C ASN D 58 -20.69 -0.20 27.34
N ILE D 59 -20.82 -1.36 26.71
CA ILE D 59 -20.24 -2.59 27.24
C ILE D 59 -18.75 -2.53 27.07
N LEU D 60 -18.32 -2.30 25.83
CA LEU D 60 -16.91 -2.17 25.49
C LEU D 60 -16.18 -1.17 26.40
N SER D 61 -16.90 -0.13 26.81
CA SER D 61 -16.31 0.94 27.61
C SER D 61 -16.24 0.59 29.09
N ARG D 62 -17.10 -0.35 29.49
CA ARG D 62 -17.07 -0.86 30.86
C ARG D 62 -15.97 -1.91 31.01
N VAL D 63 -15.85 -2.79 30.02
CA VAL D 63 -14.79 -3.79 30.10
C VAL D 63 -13.45 -3.10 29.86
N LEU D 64 -13.47 -1.96 29.15
CA LEU D 64 -12.23 -1.27 28.84
C LEU D 64 -11.76 -0.50 30.06
N SER D 65 -12.71 -0.05 30.87
CA SER D 65 -12.36 0.60 32.12
C SER D 65 -11.82 -0.49 33.00
N ARG D 66 -12.70 -1.43 33.37
CA ARG D 66 -12.41 -2.44 34.37
C ARG D 66 -11.11 -3.18 34.03
N ALA D 67 -10.77 -3.25 32.74
CA ALA D 67 -9.53 -3.88 32.31
C ALA D 67 -8.30 -3.02 32.56
N ARG D 68 -8.44 -1.70 32.46
CA ARG D 68 -7.30 -0.81 32.69
C ARG D 68 -7.06 -0.51 34.17
N SER D 69 -8.14 -0.41 34.92
CA SER D 69 -8.06 -0.02 36.34
C SER D 69 -7.50 -1.16 37.19
N ARG D 70 -8.20 -2.29 37.25
CA ARG D 70 -7.61 -3.51 37.76
C ARG D 70 -7.41 -4.45 36.57
N PRO D 71 -6.17 -4.55 36.07
CA PRO D 71 -5.79 -5.38 34.92
C PRO D 71 -5.73 -6.86 35.25
N ALA D 72 -5.46 -7.18 36.52
CA ALA D 72 -5.29 -8.56 36.98
C ALA D 72 -6.60 -9.36 37.02
N LYS D 73 -7.71 -8.70 36.71
CA LYS D 73 -8.98 -9.37 36.44
C LYS D 73 -9.28 -9.55 34.94
N LEU D 74 -8.30 -9.24 34.07
CA LEU D 74 -8.51 -9.22 32.61
C LEU D 74 -9.29 -10.41 32.00
N TYR D 75 -8.98 -11.62 32.42
CA TYR D 75 -9.62 -12.78 31.81
C TYR D 75 -11.10 -12.88 32.15
N VAL D 76 -11.51 -12.20 33.21
CA VAL D 76 -12.92 -12.12 33.59
C VAL D 76 -13.68 -11.29 32.58
N TYR D 77 -13.03 -10.23 32.10
CA TYR D 77 -13.64 -9.27 31.20
C TYR D 77 -13.70 -9.81 29.79
N ILE D 78 -12.61 -10.45 29.35
CA ILE D 78 -12.58 -11.08 28.05
C ILE D 78 -13.69 -12.11 28.04
N ASN D 79 -13.82 -12.82 29.15
CA ASN D 79 -14.95 -13.72 29.38
C ASN D 79 -16.29 -13.00 29.25
N GLU D 80 -16.53 -12.01 30.12
CA GLU D 80 -17.77 -11.23 30.04
C GLU D 80 -18.02 -10.71 28.63
N LEU D 81 -17.01 -10.08 28.04
CA LEU D 81 -17.11 -9.60 26.67
C LEU D 81 -17.49 -10.71 25.70
N CYS D 82 -16.89 -11.88 25.93
CA CYS D 82 -17.16 -13.05 25.10
C CYS D 82 -18.57 -13.60 25.26
N THR D 83 -18.99 -13.85 26.50
CA THR D 83 -20.31 -14.44 26.71
C THR D 83 -21.35 -13.54 26.06
N VAL D 84 -21.17 -12.24 26.30
CA VAL D 84 -21.99 -11.16 25.73
C VAL D 84 -22.01 -11.18 24.19
N LEU D 85 -20.82 -11.26 23.61
CA LEU D 85 -20.68 -11.42 22.18
C LEU D 85 -21.12 -12.81 21.69
N LYS D 86 -21.37 -13.73 22.63
CA LYS D 86 -21.86 -15.06 22.27
C LYS D 86 -23.38 -15.08 22.32
N ALA D 87 -23.97 -14.00 22.84
CA ALA D 87 -25.42 -13.85 22.91
C ALA D 87 -25.96 -13.30 21.60
N HIS D 88 -25.03 -12.91 20.74
CA HIS D 88 -25.37 -12.39 19.44
C HIS D 88 -24.56 -13.19 18.45
N SER D 89 -25.25 -13.84 17.52
CA SER D 89 -24.58 -14.70 16.57
C SER D 89 -25.26 -14.58 15.22
N ALA D 90 -24.90 -15.48 14.31
CA ALA D 90 -25.50 -15.50 12.99
C ALA D 90 -25.17 -16.75 12.18
N LYS D 91 -25.59 -16.69 10.92
CA LYS D 91 -25.23 -17.62 9.84
C LYS D 91 -23.87 -17.24 9.26
N LYS D 92 -23.64 -17.66 8.02
CA LYS D 92 -22.43 -17.30 7.28
C LYS D 92 -21.13 -17.88 7.85
N LYS D 93 -20.28 -16.99 8.41
CA LYS D 93 -18.83 -17.18 8.64
C LYS D 93 -17.95 -16.62 7.49
N LEU D 94 -18.58 -16.07 6.46
CA LEU D 94 -17.92 -15.70 5.19
C LEU D 94 -17.31 -16.97 4.60
N ASN D 95 -18.17 -17.96 4.26
CA ASN D 95 -19.47 -17.81 3.56
C ASN D 95 -19.32 -17.30 2.13
N ASN D 96 -18.94 -18.26 1.32
CA ASN D 96 -18.65 -18.16 -0.10
C ASN D 96 -17.54 -17.20 -0.47
N ASP D 97 -17.69 -16.60 -1.64
CA ASP D 97 -16.55 -16.09 -2.39
C ASP D 97 -15.33 -16.99 -2.30
N PRO D 98 -15.33 -18.10 -3.06
CA PRO D 98 -14.26 -19.10 -3.03
C PRO D 98 -12.83 -18.53 -3.08
N GLU D 99 -12.58 -17.53 -3.92
CA GLU D 99 -11.22 -16.99 -4.09
C GLU D 99 -10.59 -16.49 -2.80
N ASN D 100 -11.38 -15.81 -1.98
CA ASN D 100 -10.87 -15.37 -0.69
C ASN D 100 -10.34 -16.56 0.11
N ARG D 101 -11.18 -17.58 0.28
CA ARG D 101 -10.80 -18.79 1.04
C ARG D 101 -9.47 -19.35 0.50
N ILE D 102 -9.30 -19.27 -0.82
CA ILE D 102 -8.11 -19.72 -1.51
C ILE D 102 -6.94 -18.76 -1.36
N ALA D 103 -7.19 -17.47 -1.59
CA ALA D 103 -6.15 -16.42 -1.58
C ALA D 103 -5.54 -16.26 -0.21
N LYS D 104 -6.36 -16.48 0.81
CA LYS D 104 -5.95 -16.46 2.20
C LYS D 104 -5.04 -17.64 2.56
N LYS D 105 -5.48 -18.86 2.21
CA LYS D 105 -4.73 -20.05 2.54
C LYS D 105 -3.42 -20.11 1.76
N MET D 106 -3.48 -19.68 0.50
CA MET D 106 -2.28 -19.59 -0.30
C MET D 106 -1.33 -18.66 0.41
N LEU D 107 -1.85 -17.50 0.80
CA LEU D 107 -1.03 -16.48 1.40
C LEU D 107 -0.53 -16.88 2.78
N LEU D 108 -1.43 -17.35 3.63
CA LEU D 108 -1.02 -17.75 4.97
C LEU D 108 0.09 -18.78 4.96
N GLU D 109 -0.06 -19.78 4.09
CA GLU D 109 0.92 -20.84 3.94
C GLU D 109 2.24 -20.24 3.49
N GLU D 110 2.16 -19.17 2.69
CA GLU D 110 3.33 -18.47 2.20
C GLU D 110 4.09 -17.83 3.35
N ILE D 111 3.35 -17.18 4.23
CA ILE D 111 3.94 -16.52 5.39
C ILE D 111 4.47 -17.56 6.39
N LYS D 112 4.01 -18.80 6.26
CA LYS D 112 4.61 -19.88 7.04
C LYS D 112 5.89 -20.38 6.39
N ALA D 113 5.97 -20.24 5.07
CA ALA D 113 7.11 -20.74 4.31
C ALA D 113 8.39 -19.97 4.60
N ASN D 114 8.30 -18.64 4.65
CA ASN D 114 9.48 -17.84 4.89
C ASN D 114 10.08 -18.09 6.28
N LEU D 115 9.28 -18.70 7.17
CA LEU D 115 9.64 -18.97 8.56
C LEU D 115 11.00 -19.66 8.67
N SER D 116 11.05 -20.93 8.26
CA SER D 116 12.31 -21.65 8.24
C SER D 116 13.05 -21.39 6.93
N CYS E 9 10.79 15.78 33.97
CA CYS E 9 9.75 14.81 33.72
C CYS E 9 9.22 14.84 32.27
N TYR E 10 9.77 13.92 31.46
CA TYR E 10 9.53 13.76 30.01
C TYR E 10 8.44 12.73 29.64
N LYS E 11 7.66 12.29 30.63
CA LYS E 11 6.78 11.10 30.56
C LYS E 11 5.99 10.89 29.27
N LEU E 12 5.07 11.79 28.93
CA LEU E 12 4.21 11.60 27.76
C LEU E 12 4.92 11.38 26.41
N GLU E 13 6.16 11.87 26.28
CA GLU E 13 7.01 11.61 25.10
C GLU E 13 7.73 10.27 25.23
N ASN E 14 7.96 9.82 26.45
CA ASN E 14 8.41 8.46 26.67
C ASN E 14 7.39 7.46 26.14
N GLU E 15 6.12 7.71 26.40
CA GLU E 15 5.07 6.88 25.83
C GLU E 15 4.99 6.99 24.32
N LYS E 16 5.20 8.18 23.80
CA LYS E 16 5.05 8.45 22.36
C LYS E 16 6.16 7.74 21.58
N LEU E 17 7.35 7.72 22.17
CA LEU E 17 8.52 7.13 21.54
C LEU E 17 8.56 5.61 21.75
N PHE E 18 8.22 5.18 22.95
CA PHE E 18 8.18 3.75 23.21
C PHE E 18 7.12 3.11 22.34
N GLU E 19 5.90 3.63 22.33
CA GLU E 19 4.90 3.07 21.45
C GLU E 19 5.37 3.10 19.97
N GLU E 20 6.35 3.95 19.68
CA GLU E 20 6.83 4.13 18.31
C GLU E 20 7.72 2.97 17.99
N PHE E 21 8.56 2.64 18.96
CA PHE E 21 9.52 1.51 18.91
C PHE E 21 8.76 0.19 18.86
N LEU E 22 7.82 0.01 19.79
CA LEU E 22 6.91 -1.13 19.77
C LEU E 22 6.29 -1.40 18.42
N GLU E 23 5.89 -0.37 17.70
CA GLU E 23 5.40 -0.62 16.35
C GLU E 23 6.51 -1.07 15.38
N LEU E 24 7.74 -0.64 15.64
CA LEU E 24 8.84 -1.03 14.77
C LEU E 24 8.99 -2.53 14.93
N CYS E 25 8.99 -2.96 16.18
CA CYS E 25 9.09 -4.37 16.54
C CYS E 25 7.95 -5.24 16.02
N LYS E 26 6.72 -4.76 16.14
CA LYS E 26 5.57 -5.50 15.59
C LYS E 26 5.81 -5.92 14.14
N MET E 27 6.20 -4.95 13.32
CA MET E 27 6.60 -5.21 11.94
C MET E 27 7.76 -6.20 11.74
N GLN E 28 8.84 -6.03 12.49
CA GLN E 28 10.03 -6.85 12.29
C GLN E 28 10.05 -8.23 12.98
N THR E 29 9.57 -8.27 14.22
CA THR E 29 9.51 -9.45 15.07
C THR E 29 8.25 -10.28 14.76
N ALA E 30 7.75 -10.08 13.55
CA ALA E 30 6.52 -10.69 13.07
C ALA E 30 6.34 -12.18 13.42
N ASP E 31 7.45 -12.90 13.36
CA ASP E 31 7.47 -14.36 13.33
C ASP E 31 7.73 -14.91 14.70
N HIS E 32 7.92 -14.03 15.68
CA HIS E 32 8.14 -14.41 17.07
C HIS E 32 7.24 -13.57 17.93
N PRO E 33 5.94 -13.89 17.96
CA PRO E 33 5.23 -12.80 18.61
C PRO E 33 5.19 -12.91 20.12
N GLU E 34 6.27 -13.31 20.78
CA GLU E 34 6.31 -13.24 22.23
C GLU E 34 7.08 -11.99 22.59
N VAL E 35 7.74 -11.45 21.57
CA VAL E 35 8.79 -10.45 21.76
C VAL E 35 8.19 -9.09 22.12
N VAL E 36 7.33 -8.56 21.25
CA VAL E 36 6.59 -7.34 21.59
C VAL E 36 5.85 -7.43 22.93
N PRO E 37 4.91 -8.38 23.12
CA PRO E 37 4.23 -8.35 24.43
C PRO E 37 5.17 -8.52 25.63
N PHE E 38 6.39 -8.94 25.39
CA PHE E 38 7.37 -9.01 26.45
C PHE E 38 7.89 -7.64 26.79
N LEU E 39 8.27 -6.86 25.77
CA LEU E 39 8.65 -5.44 25.90
C LEU E 39 7.58 -4.63 26.55
N TYR E 40 6.37 -4.74 26.02
CA TYR E 40 5.21 -4.10 26.60
C TYR E 40 5.12 -4.37 28.08
N ASN E 41 5.32 -5.61 28.48
CA ASN E 41 5.25 -5.95 29.90
C ASN E 41 6.47 -5.57 30.72
N ARG E 42 7.65 -5.61 30.09
CA ARG E 42 8.86 -5.18 30.78
C ARG E 42 8.63 -3.74 31.23
N GLN E 43 7.95 -2.97 30.38
CA GLN E 43 7.74 -1.53 30.56
C GLN E 43 6.63 -1.18 31.56
N GLN E 44 5.60 -2.01 31.66
CA GLN E 44 4.60 -1.81 32.70
C GLN E 44 5.20 -2.06 34.09
N ARG E 45 5.89 -3.19 34.23
CA ARG E 45 6.53 -3.59 35.48
C ARG E 45 7.61 -2.58 35.95
N ALA E 46 7.97 -1.65 35.05
CA ALA E 46 8.98 -0.64 35.35
C ALA E 46 8.47 0.44 36.30
N HIS E 47 9.43 1.11 36.92
CA HIS E 47 9.13 2.08 37.98
C HIS E 47 8.15 3.17 37.60
N SER E 48 7.32 3.52 38.56
CA SER E 48 6.39 4.61 38.42
C SER E 48 7.18 5.82 37.88
N LEU E 49 8.25 6.18 38.59
CA LEU E 49 9.19 7.19 38.14
C LEU E 49 10.14 6.57 37.09
N PHE E 50 11.02 7.40 36.53
CA PHE E 50 12.05 6.96 35.55
C PHE E 50 11.42 6.63 34.20
N LEU E 51 10.13 6.33 34.21
CA LEU E 51 9.38 6.21 32.99
C LEU E 51 9.00 7.63 32.56
N ALA E 52 9.14 8.58 33.49
CA ALA E 52 9.10 10.00 33.13
C ALA E 52 10.48 10.59 32.83
N SER E 53 11.54 9.87 33.18
CA SER E 53 12.91 10.39 33.11
C SER E 53 13.38 11.01 31.78
N ALA E 54 14.18 12.07 31.87
CA ALA E 54 14.84 12.66 30.71
C ALA E 54 15.84 11.66 30.15
N GLU E 55 16.54 10.99 31.06
CA GLU E 55 17.47 9.92 30.76
C GLU E 55 16.79 8.86 29.90
N PHE E 56 15.59 8.45 30.33
CA PHE E 56 14.83 7.47 29.57
C PHE E 56 14.34 7.97 28.20
N CYS E 57 14.13 9.28 28.08
CA CYS E 57 13.77 9.83 26.76
C CYS E 57 14.93 9.63 25.80
N ASN E 58 16.13 9.96 26.26
CA ASN E 58 17.33 9.90 25.44
C ASN E 58 17.70 8.46 25.13
N ILE E 59 17.52 7.61 26.14
CA ILE E 59 17.57 6.16 25.96
C ILE E 59 16.70 5.75 24.76
N LEU E 60 15.40 6.03 24.80
CA LEU E 60 14.49 5.63 23.73
C LEU E 60 14.78 6.29 22.40
N SER E 61 15.51 7.40 22.41
CA SER E 61 15.90 8.02 21.15
C SER E 61 17.03 7.22 20.51
N ARG E 62 18.06 6.96 21.30
CA ARG E 62 19.25 6.28 20.82
C ARG E 62 18.91 4.91 20.28
N VAL E 63 17.97 4.21 20.91
CA VAL E 63 17.52 2.92 20.37
C VAL E 63 16.66 3.08 19.10
N LEU E 64 15.83 4.11 19.07
CA LEU E 64 14.97 4.37 17.91
C LEU E 64 15.73 4.80 16.65
N SER E 65 16.80 5.57 16.82
CA SER E 65 17.61 5.97 15.67
C SER E 65 18.58 4.88 15.29
N ARG E 66 19.02 4.08 16.27
CA ARG E 66 19.87 2.92 15.99
C ARG E 66 19.09 1.75 15.36
N ALA E 67 17.84 1.57 15.76
CA ALA E 67 16.95 0.61 15.12
C ALA E 67 16.71 1.00 13.66
N ARG E 68 16.33 2.24 13.45
CA ARG E 68 16.09 2.75 12.10
C ARG E 68 17.35 2.71 11.21
N SER E 69 18.49 3.12 11.76
CA SER E 69 19.73 3.22 10.98
C SER E 69 20.37 1.87 10.79
N ARG E 70 20.29 1.02 11.80
CA ARG E 70 20.83 -0.32 11.69
C ARG E 70 19.79 -1.38 12.07
N PRO E 71 18.76 -1.57 11.20
CA PRO E 71 17.68 -2.54 11.48
C PRO E 71 18.23 -3.97 11.61
N ALA E 72 19.26 -4.30 10.83
CA ALA E 72 19.88 -5.61 10.91
C ALA E 72 20.34 -5.99 12.33
N LYS E 73 20.46 -5.00 13.21
CA LYS E 73 20.80 -5.22 14.63
C LYS E 73 19.66 -5.19 15.64
N LEU E 74 18.41 -5.10 15.16
CA LEU E 74 17.26 -4.76 16.00
C LEU E 74 17.21 -5.45 17.36
N TYR E 75 17.59 -6.73 17.39
CA TYR E 75 17.47 -7.53 18.61
C TYR E 75 18.52 -7.22 19.67
N VAL E 76 19.63 -6.61 19.25
CA VAL E 76 20.55 -6.07 20.24
C VAL E 76 19.80 -4.99 20.98
N TYR E 77 19.13 -4.13 20.21
CA TYR E 77 18.35 -3.00 20.71
C TYR E 77 17.14 -3.45 21.55
N ILE E 78 16.34 -4.38 21.02
CA ILE E 78 15.20 -4.89 21.79
C ILE E 78 15.71 -5.50 23.07
N ASN E 79 16.95 -5.95 23.05
CA ASN E 79 17.53 -6.57 24.24
C ASN E 79 17.82 -5.53 25.30
N GLU E 80 18.72 -4.59 24.97
CA GLU E 80 19.16 -3.57 25.90
C GLU E 80 17.97 -2.96 26.59
N LEU E 81 16.95 -2.66 25.78
CA LEU E 81 15.74 -1.97 26.27
C LEU E 81 14.97 -2.81 27.29
N CYS E 82 14.98 -4.13 27.09
CA CYS E 82 14.41 -5.07 28.06
C CYS E 82 15.24 -5.13 29.33
N THR E 83 16.55 -4.91 29.18
CA THR E 83 17.46 -4.87 30.31
C THR E 83 17.33 -3.58 31.12
N VAL E 84 17.17 -2.45 30.43
CA VAL E 84 17.02 -1.19 31.15
C VAL E 84 15.70 -1.20 31.94
N LEU E 85 14.62 -1.60 31.28
CA LEU E 85 13.36 -1.79 31.95
C LEU E 85 13.44 -2.83 33.09
N LYS E 86 14.34 -3.80 32.97
CA LYS E 86 14.49 -4.75 34.07
C LYS E 86 15.17 -4.09 35.24
N ALA E 87 16.18 -3.28 34.95
CA ALA E 87 16.99 -2.66 36.00
C ALA E 87 16.13 -1.80 36.94
N HIS E 88 15.15 -1.11 36.38
CA HIS E 88 14.20 -0.36 37.18
C HIS E 88 12.87 -1.10 37.14
N SER E 89 12.54 -1.79 38.21
CA SER E 89 11.35 -2.63 38.22
C SER E 89 10.51 -2.49 39.46
N ALA E 90 11.14 -2.82 40.60
CA ALA E 90 10.52 -2.99 41.90
C ALA E 90 9.76 -4.30 42.00
N LYS E 91 9.50 -4.94 40.86
CA LYS E 91 8.88 -6.27 40.85
C LYS E 91 7.61 -6.29 41.69
N LYS E 92 6.56 -5.69 41.17
CA LYS E 92 5.33 -5.43 41.92
C LYS E 92 4.50 -6.70 42.01
N LYS E 93 5.13 -7.84 41.69
CA LYS E 93 4.45 -9.08 41.36
C LYS E 93 3.32 -9.41 42.34
N LEU E 94 2.15 -9.67 41.78
CA LEU E 94 0.91 -9.69 42.53
C LEU E 94 0.07 -10.93 42.22
N ASN E 95 -0.65 -11.41 43.23
CA ASN E 95 -1.36 -12.69 43.22
C ASN E 95 -2.25 -13.00 42.01
N ASN E 96 -3.29 -12.20 41.82
CA ASN E 96 -4.38 -12.50 40.87
C ASN E 96 -5.03 -13.83 41.21
N ASP E 97 -4.85 -14.25 42.47
CA ASP E 97 -5.48 -15.43 43.05
C ASP E 97 -7.02 -15.52 42.88
N PRO E 98 -7.72 -14.37 42.85
CA PRO E 98 -9.16 -14.43 42.59
C PRO E 98 -9.57 -15.07 41.26
N GLU E 99 -10.85 -14.90 40.95
CA GLU E 99 -11.53 -15.54 39.83
C GLU E 99 -10.88 -15.27 38.48
N ASN E 100 -9.84 -14.44 38.46
CA ASN E 100 -9.04 -14.34 37.25
C ASN E 100 -8.45 -15.68 36.82
N ARG E 101 -7.72 -16.33 37.72
CA ARG E 101 -7.13 -17.65 37.46
C ARG E 101 -8.23 -18.62 37.04
N ILE E 102 -9.38 -18.53 37.72
CA ILE E 102 -10.58 -19.26 37.35
C ILE E 102 -11.06 -18.97 35.92
N ALA E 103 -11.45 -17.72 35.67
CA ALA E 103 -12.02 -17.34 34.39
C ALA E 103 -11.05 -17.56 33.25
N LYS E 104 -9.75 -17.44 33.53
CA LYS E 104 -8.73 -17.75 32.54
C LYS E 104 -8.70 -19.23 32.20
N LYS E 105 -8.91 -20.09 33.22
CA LYS E 105 -9.06 -21.51 32.99
C LYS E 105 -10.25 -21.78 32.08
N MET E 106 -11.45 -21.52 32.58
CA MET E 106 -12.68 -21.85 31.88
C MET E 106 -12.68 -21.38 30.44
N LEU E 107 -12.02 -20.25 30.20
CA LEU E 107 -11.97 -19.67 28.87
C LEU E 107 -11.08 -20.54 28.02
N LEU E 108 -9.81 -20.64 28.38
CA LEU E 108 -8.85 -21.47 27.65
C LEU E 108 -9.39 -22.89 27.42
N GLU E 109 -10.15 -23.39 28.40
CA GLU E 109 -10.92 -24.63 28.30
C GLU E 109 -11.84 -24.59 27.08
N GLU E 110 -12.78 -23.64 27.05
CA GLU E 110 -13.65 -23.47 25.88
C GLU E 110 -12.89 -23.33 24.55
N ILE E 111 -11.69 -22.77 24.57
CA ILE E 111 -10.96 -22.55 23.31
C ILE E 111 -10.30 -23.83 22.82
N LYS E 112 -10.09 -24.78 23.72
CA LYS E 112 -9.67 -26.13 23.34
C LYS E 112 -10.81 -26.87 22.64
N ALA E 113 -11.95 -26.98 23.30
CA ALA E 113 -13.14 -27.64 22.74
C ALA E 113 -13.51 -27.19 21.33
N ASN E 114 -13.83 -25.92 21.16
CA ASN E 114 -14.31 -25.44 19.87
C ASN E 114 -13.28 -25.52 18.74
N LEU E 115 -12.05 -25.85 19.09
CA LEU E 115 -11.01 -26.13 18.10
C LEU E 115 -11.34 -27.32 17.18
N SER E 116 -11.33 -28.52 17.76
CA SER E 116 -11.45 -29.78 17.00
C SER E 116 -10.62 -29.81 15.71
N CYS F 9 8.28 11.92 -9.25
CA CYS F 9 8.60 11.15 -8.04
C CYS F 9 7.36 10.98 -7.17
N TYR F 10 6.94 9.73 -6.99
CA TYR F 10 5.77 9.43 -6.19
C TYR F 10 6.00 8.86 -4.79
N LYS F 11 7.26 8.87 -4.35
CA LYS F 11 7.68 8.30 -3.05
C LYS F 11 6.77 8.60 -1.86
N LEU F 12 6.61 9.86 -1.50
CA LEU F 12 5.84 10.22 -0.30
C LEU F 12 4.33 10.01 -0.42
N GLU F 13 3.78 10.10 -1.63
CA GLU F 13 2.36 9.83 -1.82
C GLU F 13 2.04 8.33 -1.81
N ASN F 14 2.92 7.52 -2.38
CA ASN F 14 2.75 6.07 -2.32
C ASN F 14 3.03 5.54 -0.94
N GLU F 15 3.76 6.30 -0.13
CA GLU F 15 3.91 5.94 1.27
C GLU F 15 2.59 6.18 2.02
N LYS F 16 1.93 7.31 1.76
CA LYS F 16 0.63 7.58 2.35
C LYS F 16 -0.38 6.48 1.99
N LEU F 17 -0.53 6.26 0.69
CA LEU F 17 -1.49 5.30 0.13
C LEU F 17 -1.29 3.87 0.64
N PHE F 18 -0.03 3.47 0.80
CA PHE F 18 0.30 2.20 1.38
C PHE F 18 -0.05 2.12 2.86
N GLU F 19 0.25 3.16 3.64
CA GLU F 19 -0.09 3.11 5.06
C GLU F 19 -1.59 3.18 5.27
N GLU F 20 -2.30 3.53 4.20
CA GLU F 20 -3.74 3.62 4.22
C GLU F 20 -4.31 2.22 4.19
N PHE F 21 -3.72 1.41 3.31
CA PHE F 21 -4.12 0.02 3.11
C PHE F 21 -3.78 -0.80 4.35
N LEU F 22 -2.55 -0.64 4.83
CA LEU F 22 -2.07 -1.32 6.02
C LEU F 22 -2.94 -1.13 7.26
N GLU F 23 -3.67 -0.03 7.34
CA GLU F 23 -4.58 0.14 8.45
C GLU F 23 -5.83 -0.66 8.18
N LEU F 24 -6.21 -0.63 6.91
CA LEU F 24 -7.40 -1.29 6.42
C LEU F 24 -7.33 -2.77 6.76
N CYS F 25 -6.13 -3.35 6.64
CA CYS F 25 -5.86 -4.74 7.02
C CYS F 25 -5.78 -4.96 8.53
N LYS F 26 -4.93 -4.18 9.21
CA LYS F 26 -4.76 -4.28 10.67
C LYS F 26 -6.09 -4.37 11.40
N MET F 27 -7.06 -3.59 10.94
CA MET F 27 -8.40 -3.69 11.48
C MET F 27 -8.97 -5.08 11.23
N GLN F 28 -9.09 -5.46 9.95
CA GLN F 28 -9.86 -6.65 9.59
C GLN F 28 -9.14 -7.97 9.29
N THR F 29 -7.83 -8.02 9.38
CA THR F 29 -7.21 -9.32 9.60
C THR F 29 -6.48 -9.30 10.93
N ALA F 30 -7.19 -9.56 12.03
CA ALA F 30 -6.53 -9.65 13.32
C ALA F 30 -6.40 -11.09 13.81
N ASP F 31 -7.03 -12.01 13.08
CA ASP F 31 -6.95 -13.44 13.39
C ASP F 31 -5.55 -13.93 13.05
N HIS F 32 -5.03 -13.50 11.91
CA HIS F 32 -3.73 -13.97 11.42
C HIS F 32 -2.73 -12.83 11.36
N PRO F 33 -2.14 -12.48 12.53
CA PRO F 33 -1.33 -11.26 12.43
C PRO F 33 0.06 -11.58 11.97
N GLU F 34 0.23 -12.48 11.04
CA GLU F 34 1.52 -12.59 10.42
C GLU F 34 1.43 -11.85 9.09
N VAL F 35 0.17 -11.56 8.72
CA VAL F 35 -0.15 -11.05 7.38
C VAL F 35 0.35 -9.64 7.21
N VAL F 36 -0.06 -8.77 8.13
CA VAL F 36 0.33 -7.37 8.13
C VAL F 36 1.84 -7.18 8.13
N PRO F 37 2.56 -7.71 9.16
CA PRO F 37 4.00 -7.45 9.13
C PRO F 37 4.73 -8.05 7.92
N PHE F 38 4.06 -8.97 7.20
CA PHE F 38 4.56 -9.54 5.94
C PHE F 38 4.31 -8.63 4.74
N LEU F 39 3.19 -7.92 4.76
CA LEU F 39 2.86 -6.99 3.70
C LEU F 39 3.76 -5.77 3.82
N TYR F 40 4.03 -5.38 5.07
CA TYR F 40 4.97 -4.31 5.38
C TYR F 40 6.35 -4.63 4.84
N ASN F 41 6.82 -5.86 5.09
CA ASN F 41 8.17 -6.22 4.72
C ASN F 41 8.32 -6.40 3.23
N ARG F 42 7.25 -6.84 2.57
CA ARG F 42 7.25 -6.96 1.11
C ARG F 42 7.52 -5.63 0.45
N GLN F 43 6.96 -4.56 1.03
CA GLN F 43 7.17 -3.20 0.54
C GLN F 43 8.45 -2.52 1.06
N GLN F 44 8.97 -3.01 2.18
CA GLN F 44 10.23 -2.52 2.73
C GLN F 44 11.37 -3.06 1.86
N ARG F 45 11.26 -4.36 1.51
CA ARG F 45 12.24 -5.09 0.69
C ARG F 45 12.12 -4.68 -0.80
N ALA F 46 11.10 -3.89 -1.14
CA ALA F 46 10.82 -3.58 -2.55
C ALA F 46 11.85 -2.66 -3.17
N HIS F 47 11.74 -2.43 -4.47
CA HIS F 47 12.82 -1.75 -5.18
C HIS F 47 12.85 -0.25 -4.94
N SER F 48 14.08 0.28 -4.89
CA SER F 48 14.35 1.68 -4.55
C SER F 48 13.42 2.60 -5.37
N LEU F 49 13.47 2.46 -6.70
CA LEU F 49 12.70 3.25 -7.65
C LEU F 49 11.19 2.99 -7.75
N PHE F 50 10.79 1.72 -7.83
CA PHE F 50 9.39 1.36 -8.06
C PHE F 50 8.44 1.88 -6.96
N LEU F 51 8.95 1.94 -5.74
CA LEU F 51 8.18 2.45 -4.62
C LEU F 51 7.86 3.94 -4.84
N ALA F 52 8.76 4.59 -5.58
CA ALA F 52 8.56 5.95 -6.01
C ALA F 52 7.95 6.01 -7.41
N SER F 53 7.58 4.87 -7.96
CA SER F 53 7.04 4.88 -9.32
C SER F 53 5.70 5.58 -9.31
N ALA F 54 5.28 6.06 -10.48
CA ALA F 54 3.91 6.51 -10.68
C ALA F 54 3.00 5.29 -10.85
N GLU F 55 3.59 4.21 -11.37
CA GLU F 55 2.87 2.95 -11.55
C GLU F 55 2.36 2.39 -10.23
N PHE F 56 3.21 2.39 -9.21
CA PHE F 56 2.86 1.85 -7.91
C PHE F 56 1.74 2.64 -7.22
N CYS F 57 1.56 3.91 -7.63
CA CYS F 57 0.49 4.75 -7.10
C CYS F 57 -0.84 4.15 -7.54
N ASN F 58 -0.94 3.87 -8.84
CA ASN F 58 -2.17 3.42 -9.45
C ASN F 58 -2.69 2.14 -8.82
N ILE F 59 -1.79 1.18 -8.68
CA ILE F 59 -2.09 -0.09 -8.03
C ILE F 59 -2.77 0.22 -6.70
N LEU F 60 -2.00 0.78 -5.78
CA LEU F 60 -2.45 1.01 -4.41
C LEU F 60 -3.83 1.68 -4.31
N SER F 61 -4.15 2.56 -5.26
CA SER F 61 -5.49 3.14 -5.32
C SER F 61 -6.51 2.08 -5.72
N ARG F 62 -6.18 1.31 -6.75
CA ARG F 62 -7.07 0.28 -7.28
C ARG F 62 -7.32 -0.84 -6.26
N VAL F 63 -6.33 -1.15 -5.42
CA VAL F 63 -6.55 -2.14 -4.36
C VAL F 63 -7.35 -1.55 -3.22
N LEU F 64 -7.07 -0.29 -2.89
CA LEU F 64 -7.76 0.43 -1.81
C LEU F 64 -9.24 0.53 -2.12
N SER F 65 -9.56 1.10 -3.29
CA SER F 65 -10.94 1.24 -3.72
C SER F 65 -11.66 -0.11 -3.77
N ARG F 66 -10.94 -1.15 -4.22
CA ARG F 66 -11.49 -2.51 -4.30
C ARG F 66 -11.62 -3.12 -2.90
N ALA F 67 -10.65 -2.86 -2.03
CA ALA F 67 -10.68 -3.39 -0.65
C ALA F 67 -11.78 -2.75 0.18
N ARG F 68 -12.19 -1.55 -0.21
CA ARG F 68 -13.26 -0.86 0.49
C ARG F 68 -14.62 -1.31 -0.01
N SER F 69 -14.89 -1.08 -1.29
CA SER F 69 -16.14 -1.48 -1.92
C SER F 69 -16.39 -3.00 -1.86
N ARG F 70 -15.32 -3.80 -1.83
CA ARG F 70 -15.44 -5.25 -1.71
C ARG F 70 -14.52 -5.81 -0.62
N PRO F 71 -14.89 -5.60 0.65
CA PRO F 71 -14.08 -5.98 1.82
C PRO F 71 -14.00 -7.48 2.05
N ALA F 72 -14.96 -8.22 1.52
CA ALA F 72 -15.04 -9.67 1.72
C ALA F 72 -14.05 -10.43 0.85
N LYS F 73 -13.52 -9.73 -0.15
CA LYS F 73 -12.54 -10.26 -1.09
C LYS F 73 -11.10 -9.91 -0.66
N LEU F 74 -10.96 -9.37 0.55
CA LEU F 74 -9.73 -8.70 0.99
C LEU F 74 -8.43 -9.41 0.65
N TYR F 75 -8.30 -10.63 1.14
CA TYR F 75 -7.08 -11.45 0.96
C TYR F 75 -6.64 -11.63 -0.49
N VAL F 76 -7.57 -11.56 -1.43
CA VAL F 76 -7.23 -11.43 -2.85
C VAL F 76 -6.30 -10.25 -3.10
N TYR F 77 -6.66 -9.07 -2.61
CA TYR F 77 -5.86 -7.88 -2.85
C TYR F 77 -4.64 -7.80 -1.95
N ILE F 78 -4.71 -8.39 -0.76
CA ILE F 78 -3.53 -8.44 0.09
C ILE F 78 -2.53 -9.32 -0.59
N ASN F 79 -3.05 -10.32 -1.32
CA ASN F 79 -2.22 -11.25 -2.07
C ASN F 79 -1.75 -10.65 -3.40
N GLU F 80 -2.64 -9.94 -4.07
CA GLU F 80 -2.36 -9.37 -5.39
C GLU F 80 -1.21 -8.42 -5.27
N LEU F 81 -1.17 -7.74 -4.14
CA LEU F 81 -0.20 -6.71 -3.90
C LEU F 81 1.15 -7.30 -3.50
N CYS F 82 1.11 -8.34 -2.67
CA CYS F 82 2.34 -8.99 -2.27
C CYS F 82 3.08 -9.55 -3.48
N THR F 83 2.33 -10.05 -4.46
CA THR F 83 2.95 -10.56 -5.67
C THR F 83 3.66 -9.45 -6.44
N VAL F 84 3.08 -8.25 -6.44
CA VAL F 84 3.70 -7.13 -7.14
C VAL F 84 4.84 -6.55 -6.32
N LEU F 85 4.66 -6.52 -5.02
CA LEU F 85 5.73 -6.10 -4.15
C LEU F 85 6.91 -7.12 -4.11
N LYS F 86 6.64 -8.40 -4.40
CA LYS F 86 7.71 -9.39 -4.54
C LYS F 86 8.34 -9.25 -5.93
N ALA F 87 7.52 -9.08 -6.96
CA ALA F 87 8.03 -8.97 -8.34
C ALA F 87 9.05 -7.86 -8.47
N HIS F 88 9.04 -6.93 -7.52
CA HIS F 88 10.00 -5.82 -7.48
C HIS F 88 10.78 -5.90 -6.20
N SER F 89 12.05 -6.24 -6.29
CA SER F 89 12.84 -6.46 -5.09
C SER F 89 14.33 -6.28 -5.31
N ALA F 90 15.10 -6.73 -4.33
CA ALA F 90 16.54 -6.52 -4.30
C ALA F 90 17.21 -7.77 -3.72
N LYS F 91 18.48 -7.63 -3.35
CA LYS F 91 19.15 -8.65 -2.54
C LYS F 91 18.72 -8.48 -1.09
N LYS F 92 19.34 -9.25 -0.18
CA LYS F 92 18.97 -9.25 1.23
C LYS F 92 19.89 -10.16 2.07
N LYS F 93 19.64 -10.17 3.38
CA LYS F 93 20.30 -11.03 4.36
C LYS F 93 21.70 -10.54 4.76
N ASN F 96 24.82 -13.05 7.93
CA ASN F 96 24.95 -11.77 8.61
C ASN F 96 23.62 -11.27 9.19
N ASP F 97 23.68 -10.59 10.33
CA ASP F 97 24.92 -10.49 11.10
C ASP F 97 24.90 -11.36 12.38
N PRO F 98 26.03 -11.47 13.11
CA PRO F 98 26.04 -12.30 14.34
C PRO F 98 25.27 -11.84 15.59
N GLU F 99 25.40 -10.58 15.98
CA GLU F 99 24.85 -10.19 17.29
C GLU F 99 23.35 -10.30 17.30
N ASN F 100 22.76 -10.03 16.14
CA ASN F 100 21.32 -10.20 15.98
C ASN F 100 20.94 -11.62 16.36
N ARG F 101 21.36 -12.58 15.53
CA ARG F 101 21.06 -14.00 15.79
C ARG F 101 21.48 -14.48 17.18
N ILE F 102 22.51 -13.84 17.74
CA ILE F 102 22.89 -14.07 19.13
C ILE F 102 21.84 -13.47 20.04
N ALA F 103 21.67 -12.13 19.98
CA ALA F 103 20.74 -11.43 20.84
C ALA F 103 19.32 -11.87 20.55
N LYS F 104 19.02 -12.13 19.28
CA LYS F 104 17.72 -12.69 18.92
C LYS F 104 17.45 -13.96 19.71
N LYS F 105 18.40 -14.89 19.66
CA LYS F 105 18.27 -16.16 20.34
C LYS F 105 18.26 -15.99 21.86
N MET F 106 19.27 -15.35 22.40
CA MET F 106 19.33 -15.12 23.84
C MET F 106 18.07 -14.43 24.40
N LEU F 107 17.62 -13.36 23.74
CA LEU F 107 16.37 -12.74 24.12
C LEU F 107 15.27 -13.79 24.05
N LEU F 108 15.15 -14.43 22.90
CA LEU F 108 14.11 -15.45 22.67
C LEU F 108 14.03 -16.52 23.76
N GLU F 109 15.21 -16.96 24.21
CA GLU F 109 15.40 -18.01 25.24
C GLU F 109 15.16 -17.47 26.63
N GLU F 110 15.41 -16.17 26.80
CA GLU F 110 15.21 -15.48 28.06
C GLU F 110 13.72 -15.24 28.24
N ILE F 111 13.05 -14.87 27.15
CA ILE F 111 11.61 -14.69 27.14
C ILE F 111 10.91 -16.03 27.35
N LYS F 112 11.36 -17.02 26.57
CA LYS F 112 10.75 -18.35 26.58
C LYS F 112 10.62 -18.94 27.98
N ALA F 113 11.74 -19.05 28.69
CA ALA F 113 11.69 -19.61 30.02
C ALA F 113 12.53 -18.84 31.03
N ASN F 114 11.91 -18.20 32.03
CA ASN F 114 10.45 -17.93 32.17
C ASN F 114 9.41 -19.07 32.05
N LYS G 8 15.45 15.43 -5.78
CA LYS G 8 14.38 14.45 -5.77
C LYS G 8 13.03 15.16 -5.81
N CYS G 9 11.99 14.52 -5.26
CA CYS G 9 10.72 15.23 -4.96
C CYS G 9 10.19 15.04 -3.53
N TYR G 10 10.26 16.16 -2.82
CA TYR G 10 9.82 16.31 -1.45
C TYR G 10 8.45 16.99 -1.24
N LYS G 11 7.71 17.26 -2.33
CA LYS G 11 6.50 18.09 -2.26
C LYS G 11 5.55 17.83 -1.10
N LEU G 12 5.28 16.58 -0.78
CA LEU G 12 4.42 16.25 0.36
C LEU G 12 5.04 16.78 1.64
N GLU G 13 6.36 16.70 1.71
CA GLU G 13 7.14 17.14 2.86
C GLU G 13 7.36 18.66 2.82
N ASN G 14 7.53 19.22 1.63
CA ASN G 14 7.60 20.68 1.50
C ASN G 14 6.29 21.36 1.85
N GLU G 15 5.20 20.90 1.27
CA GLU G 15 3.87 21.40 1.63
C GLU G 15 3.56 21.29 3.10
N LYS G 16 4.25 20.36 3.74
CA LYS G 16 4.12 20.13 5.17
C LYS G 16 4.89 21.19 5.97
N LEU G 17 6.15 21.40 5.61
CA LEU G 17 7.00 22.28 6.38
C LEU G 17 6.60 23.72 6.13
N PHE G 18 6.08 24.00 4.95
CA PHE G 18 5.63 25.35 4.64
C PHE G 18 4.42 25.73 5.48
N GLU G 19 3.44 24.83 5.57
CA GLU G 19 2.26 25.10 6.38
C GLU G 19 2.63 25.16 7.86
N GLU G 20 3.71 24.47 8.22
CA GLU G 20 4.24 24.50 9.57
C GLU G 20 4.72 25.89 9.90
N PHE G 21 5.39 26.50 8.92
CA PHE G 21 5.95 27.83 9.05
C PHE G 21 4.94 28.97 8.87
N LEU G 22 3.97 28.81 7.97
CA LEU G 22 2.85 29.76 7.91
C LEU G 22 2.13 29.81 9.24
N GLU G 23 2.06 28.68 9.92
CA GLU G 23 1.36 28.67 11.20
C GLU G 23 2.26 29.25 12.29
N LEU G 24 3.57 29.30 12.03
CA LEU G 24 4.48 29.90 13.01
C LEU G 24 4.32 31.42 12.97
N CYS G 25 4.28 31.95 11.74
CA CYS G 25 3.77 33.27 11.42
C CYS G 25 2.29 33.12 11.73
N LYS G 26 1.44 34.08 11.41
CA LYS G 26 0.00 33.93 11.71
C LYS G 26 -0.23 34.04 13.21
N MET G 27 0.87 33.97 13.97
CA MET G 27 0.91 33.88 15.43
C MET G 27 1.86 34.93 15.99
N GLN G 28 3.11 34.85 15.53
CA GLN G 28 4.04 35.95 15.73
C GLN G 28 3.59 37.19 14.98
N THR G 29 2.94 37.07 13.81
CA THR G 29 2.43 38.31 13.22
C THR G 29 0.90 38.39 13.11
N ALA G 30 0.26 38.83 14.18
CA ALA G 30 -1.19 39.04 14.18
C ALA G 30 -1.46 40.51 13.97
N ASP G 31 -0.41 41.30 14.15
CA ASP G 31 -0.50 42.76 14.21
C ASP G 31 -0.37 43.35 12.82
N HIS G 32 0.05 42.51 11.88
CA HIS G 32 0.05 42.87 10.47
C HIS G 32 -0.55 41.72 9.71
N PRO G 33 -1.89 41.70 9.62
CA PRO G 33 -2.64 40.61 9.00
C PRO G 33 -2.31 40.30 7.52
N GLU G 34 -1.57 41.17 6.84
CA GLU G 34 -1.25 40.92 5.44
C GLU G 34 0.08 40.22 5.24
N VAL G 35 0.80 39.93 6.31
CA VAL G 35 2.08 39.23 6.17
C VAL G 35 1.89 37.78 5.65
N VAL G 36 1.10 36.98 6.38
CA VAL G 36 0.87 35.60 6.00
C VAL G 36 0.36 35.40 4.56
N PRO G 37 -0.69 36.15 4.15
CA PRO G 37 -1.18 35.95 2.79
C PRO G 37 -0.21 36.44 1.74
N PHE G 38 0.74 37.26 2.16
CA PHE G 38 1.80 37.72 1.28
C PHE G 38 2.72 36.55 0.99
N LEU G 39 3.18 35.92 2.06
CA LEU G 39 4.00 34.72 2.00
C LEU G 39 3.32 33.58 1.27
N TYR G 40 2.08 33.32 1.69
CA TYR G 40 1.29 32.26 1.09
C TYR G 40 1.19 32.45 -0.39
N ASN G 41 1.04 33.68 -0.85
CA ASN G 41 0.90 33.92 -2.27
C ASN G 41 2.24 33.86 -3.01
N ARG G 42 3.34 34.05 -2.29
CA ARG G 42 4.68 33.94 -2.86
C ARG G 42 5.03 32.50 -3.17
N GLN G 43 4.45 31.57 -2.39
CA GLN G 43 4.62 30.12 -2.59
C GLN G 43 3.92 29.57 -3.82
N GLN G 44 2.68 30.02 -4.05
CA GLN G 44 1.93 29.70 -5.25
C GLN G 44 2.53 30.35 -6.49
N ARG G 45 3.38 31.35 -6.28
CA ARG G 45 4.04 32.05 -7.36
C ARG G 45 5.26 31.27 -7.86
N ALA G 46 5.72 30.31 -7.04
CA ALA G 46 6.91 29.54 -7.39
C ALA G 46 6.48 28.54 -8.44
N HIS G 47 7.43 27.79 -8.97
CA HIS G 47 7.01 26.75 -9.91
C HIS G 47 7.08 25.39 -9.27
N SER G 48 6.22 24.50 -9.77
CA SER G 48 5.99 23.17 -9.23
C SER G 48 7.27 22.42 -8.89
N LEU G 49 8.25 22.54 -9.79
CA LEU G 49 9.55 21.91 -9.61
C LEU G 49 10.19 22.31 -8.29
N PHE G 50 10.51 23.60 -8.13
CA PHE G 50 11.13 24.09 -6.91
C PHE G 50 10.32 23.72 -5.67
N LEU G 51 9.00 23.89 -5.77
CA LEU G 51 8.08 23.57 -4.67
C LEU G 51 8.27 22.14 -4.13
N ALA G 52 8.59 21.21 -5.02
CA ALA G 52 8.90 19.83 -4.64
C ALA G 52 10.40 19.56 -4.54
N SER G 53 11.20 20.60 -4.79
CA SER G 53 12.66 20.45 -4.78
C SER G 53 13.17 20.02 -3.41
N ALA G 54 14.23 19.22 -3.44
CA ALA G 54 14.94 18.84 -2.23
C ALA G 54 15.56 20.08 -1.61
N GLU G 55 15.98 21.01 -2.48
CA GLU G 55 16.57 22.28 -2.04
C GLU G 55 15.62 23.05 -1.13
N PHE G 56 14.40 23.29 -1.62
CA PHE G 56 13.36 23.99 -0.87
C PHE G 56 13.14 23.36 0.50
N CYS G 57 13.40 22.05 0.60
CA CYS G 57 13.20 21.32 1.84
C CYS G 57 14.22 21.73 2.89
N ASN G 58 15.49 21.83 2.50
CA ASN G 58 16.54 22.19 3.45
C ASN G 58 16.39 23.63 3.92
N ILE G 59 15.99 24.51 3.00
CA ILE G 59 15.63 25.89 3.32
C ILE G 59 14.54 25.94 4.38
N LEU G 60 13.35 25.49 4.00
CA LEU G 60 12.20 25.44 4.87
C LEU G 60 12.60 24.84 6.20
N SER G 61 13.44 23.80 6.12
CA SER G 61 13.91 23.09 7.31
C SER G 61 14.73 23.99 8.24
N ARG G 62 15.70 24.71 7.70
CA ARG G 62 16.52 25.55 8.56
C ARG G 62 15.76 26.81 9.02
N VAL G 63 14.89 27.36 8.17
CA VAL G 63 14.11 28.54 8.57
C VAL G 63 13.19 28.15 9.71
N LEU G 64 12.72 26.91 9.71
CA LEU G 64 11.90 26.43 10.81
C LEU G 64 12.78 26.24 12.06
N SER G 65 14.02 25.83 11.83
CA SER G 65 14.94 25.49 12.92
C SER G 65 15.38 26.74 13.66
N ARG G 66 15.59 27.81 12.90
CA ARG G 66 16.02 29.09 13.47
C ARG G 66 14.84 29.79 14.13
N ALA G 67 13.70 29.83 13.43
CA ALA G 67 12.50 30.52 13.90
C ALA G 67 12.00 30.00 15.25
N ARG G 68 12.26 28.71 15.51
CA ARG G 68 11.98 28.10 16.81
C ARG G 68 13.08 28.32 17.89
N SER G 69 14.32 28.43 17.45
CA SER G 69 15.49 28.70 18.28
C SER G 69 15.70 30.18 18.59
N ARG G 70 15.53 31.03 17.57
CA ARG G 70 15.67 32.48 17.68
C ARG G 70 14.39 33.17 17.21
N PRO G 71 13.30 33.04 17.98
CA PRO G 71 11.95 33.49 17.64
C PRO G 71 11.79 35.03 17.65
N ALA G 72 12.76 35.71 18.25
CA ALA G 72 12.83 37.16 18.26
C ALA G 72 13.17 37.70 16.87
N LYS G 73 13.88 36.89 16.09
CA LYS G 73 14.36 37.26 14.75
C LYS G 73 13.46 36.83 13.57
N LEU G 74 12.27 36.33 13.86
CA LEU G 74 11.39 35.75 12.83
C LEU G 74 11.21 36.51 11.50
N TYR G 75 11.13 37.85 11.53
CA TYR G 75 10.97 38.58 10.27
C TYR G 75 12.22 38.50 9.39
N VAL G 76 13.37 38.23 10.01
CA VAL G 76 14.59 38.05 9.25
C VAL G 76 14.39 36.86 8.33
N TYR G 77 13.75 35.82 8.91
CA TYR G 77 13.53 34.52 8.27
C TYR G 77 12.40 34.59 7.27
N ILE G 78 11.28 35.23 7.63
CA ILE G 78 10.14 35.35 6.73
C ILE G 78 10.63 35.91 5.43
N ASN G 79 11.69 36.70 5.51
CA ASN G 79 12.20 37.39 4.34
C ASN G 79 12.95 36.46 3.40
N GLU G 80 13.84 35.65 3.95
CA GLU G 80 14.62 34.77 3.08
C GLU G 80 13.67 33.83 2.37
N LEU G 81 12.76 33.22 3.12
CA LEU G 81 11.79 32.30 2.55
C LEU G 81 11.08 32.87 1.32
N CYS G 82 10.73 34.15 1.32
CA CYS G 82 10.18 34.76 0.10
C CYS G 82 11.17 35.51 -0.77
N THR G 83 12.43 35.59 -0.37
CA THR G 83 13.44 36.02 -1.34
C THR G 83 13.58 34.81 -2.24
N VAL G 84 13.70 33.67 -1.58
CA VAL G 84 13.83 32.37 -2.22
C VAL G 84 12.60 32.02 -3.03
N LEU G 85 11.43 32.20 -2.45
CA LEU G 85 10.19 31.96 -3.18
C LEU G 85 9.99 32.93 -4.35
N LYS G 86 10.54 34.15 -4.25
CA LYS G 86 10.39 35.15 -5.32
C LYS G 86 11.50 35.05 -6.35
N ALA G 87 12.50 34.21 -6.07
CA ALA G 87 13.55 33.92 -7.04
C ALA G 87 13.04 32.92 -8.07
N HIS G 88 12.12 32.09 -7.63
CA HIS G 88 11.47 31.12 -8.50
C HIS G 88 10.05 31.61 -8.80
N SER G 89 9.79 31.92 -10.05
CA SER G 89 8.55 32.62 -10.39
C SER G 89 7.66 31.82 -11.32
N ALA G 90 6.48 32.36 -11.58
CA ALA G 90 5.51 31.74 -12.48
C ALA G 90 4.95 32.71 -13.51
N LYS G 91 4.27 33.74 -13.02
CA LYS G 91 3.43 34.62 -13.85
C LYS G 91 2.29 33.86 -14.51
N LYS G 92 1.37 33.34 -13.69
CA LYS G 92 0.22 32.57 -14.15
C LYS G 92 -1.10 33.16 -13.63
N ASP G 97 -9.19 30.46 -13.69
CA ASP G 97 -10.53 29.89 -13.71
C ASP G 97 -11.54 30.97 -13.34
N PRO G 98 -12.48 31.27 -14.28
CA PRO G 98 -13.55 32.25 -14.09
C PRO G 98 -14.51 31.89 -12.96
N GLU G 99 -14.98 30.64 -12.93
CA GLU G 99 -15.96 30.22 -11.94
C GLU G 99 -15.42 30.24 -10.51
N ASN G 100 -14.15 29.90 -10.36
CA ASN G 100 -13.51 29.89 -9.06
C ASN G 100 -13.18 31.32 -8.63
N ARG G 101 -13.04 32.20 -9.62
CA ARG G 101 -12.79 33.61 -9.34
C ARG G 101 -14.04 34.19 -8.69
N ILE G 102 -15.20 33.79 -9.22
CA ILE G 102 -16.48 34.27 -8.70
C ILE G 102 -16.91 33.62 -7.39
N ALA G 103 -16.85 32.30 -7.33
CA ALA G 103 -17.36 31.58 -6.17
C ALA G 103 -16.59 31.97 -4.92
N LYS G 104 -15.33 32.33 -5.10
CA LYS G 104 -14.53 32.82 -4.00
C LYS G 104 -15.06 34.18 -3.59
N LYS G 105 -15.27 35.01 -4.60
CA LYS G 105 -15.84 36.34 -4.43
C LYS G 105 -17.11 36.24 -3.59
N MET G 106 -18.18 35.62 -4.11
CA MET G 106 -19.43 35.56 -3.35
C MET G 106 -19.29 34.91 -1.97
N LEU G 107 -18.24 34.14 -1.76
CA LEU G 107 -18.06 33.48 -0.48
C LEU G 107 -17.51 34.50 0.51
N LEU G 108 -16.47 35.20 0.09
CA LEU G 108 -15.83 36.20 0.93
C LEU G 108 -16.77 37.37 1.26
N GLU G 109 -17.59 37.77 0.28
CA GLU G 109 -18.60 38.79 0.50
C GLU G 109 -19.59 38.35 1.56
N GLU G 110 -20.00 37.09 1.47
CA GLU G 110 -21.03 36.59 2.37
C GLU G 110 -20.49 36.56 3.78
N ILE G 111 -19.19 36.39 3.92
CA ILE G 111 -18.57 36.34 5.24
C ILE G 111 -18.34 37.73 5.79
N LYS G 112 -17.87 38.66 4.94
CA LYS G 112 -17.80 40.08 5.32
C LYS G 112 -19.18 40.52 5.73
N ALA G 113 -20.15 40.33 4.84
CA ALA G 113 -21.55 40.62 5.15
C ALA G 113 -22.09 39.96 6.43
N ASN G 114 -21.55 38.84 6.85
CA ASN G 114 -22.05 38.18 8.07
C ASN G 114 -21.32 38.65 9.33
N LEU G 115 -20.43 39.62 9.13
CA LEU G 115 -19.63 40.18 10.21
C LEU G 115 -20.44 41.11 11.12
N SER G 116 -20.89 42.24 10.55
CA SER G 116 -21.73 43.21 11.24
C SER G 116 -23.00 42.59 11.82
N LYS H 8 6.17 16.01 40.31
CA LYS H 8 4.99 15.94 39.44
C LYS H 8 4.90 17.04 38.37
N CYS H 9 5.59 16.83 37.25
CA CYS H 9 5.64 17.78 36.11
C CYS H 9 4.60 17.44 35.03
N TYR H 10 3.65 18.34 34.84
CA TYR H 10 2.53 18.12 33.91
C TYR H 10 2.68 18.75 32.51
N LYS H 11 3.86 19.30 32.20
CA LYS H 11 4.10 20.07 30.97
C LYS H 11 3.54 19.50 29.68
N LEU H 12 3.81 18.24 29.40
CA LEU H 12 3.38 17.64 28.14
C LEU H 12 1.84 17.64 27.86
N GLU H 13 1.02 17.42 28.88
CA GLU H 13 -0.43 17.45 28.65
C GLU H 13 -1.00 18.87 28.60
N ASN H 14 -0.37 19.80 29.30
CA ASN H 14 -0.85 21.19 29.34
C ASN H 14 -0.74 21.87 27.99
N GLU H 15 0.13 21.33 27.14
CA GLU H 15 0.25 21.76 25.75
C GLU H 15 -0.83 21.14 24.90
N LYS H 16 -1.19 19.90 25.20
CA LYS H 16 -2.24 19.19 24.47
C LYS H 16 -3.61 19.84 24.73
N LEU H 17 -3.87 20.15 25.99
CA LEU H 17 -5.12 20.81 26.36
C LEU H 17 -5.19 22.24 25.81
N PHE H 18 -4.10 22.98 25.99
CA PHE H 18 -4.01 24.31 25.41
C PHE H 18 -4.13 24.34 23.87
N GLU H 19 -3.54 23.39 23.17
CA GLU H 19 -3.73 23.33 21.72
C GLU H 19 -5.20 22.98 21.37
N GLU H 20 -5.86 22.25 22.27
CA GLU H 20 -7.24 21.86 22.07
C GLU H 20 -8.07 23.11 22.18
N PHE H 21 -7.75 23.94 23.17
CA PHE H 21 -8.43 25.23 23.42
C PHE H 21 -8.25 26.25 22.30
N LEU H 22 -7.01 26.54 21.90
CA LEU H 22 -6.76 27.47 20.79
C LEU H 22 -7.57 27.16 19.56
N GLU H 23 -7.81 25.88 19.30
CA GLU H 23 -8.59 25.52 18.12
C GLU H 23 -10.06 25.80 18.32
N LEU H 24 -10.51 25.70 19.55
CA LEU H 24 -11.87 26.04 19.84
C LEU H 24 -11.99 27.50 19.40
N CYS H 25 -11.16 28.34 20.02
CA CYS H 25 -11.10 29.76 19.71
C CYS H 25 -10.88 30.02 18.21
N LYS H 26 -9.96 29.32 17.54
CA LYS H 26 -9.74 29.55 16.10
C LYS H 26 -11.04 29.54 15.32
N MET H 27 -11.97 28.70 15.76
CA MET H 27 -13.24 28.48 15.08
C MET H 27 -14.34 29.51 15.39
N GLN H 28 -14.39 29.98 16.64
CA GLN H 28 -15.34 31.05 17.02
C GLN H 28 -14.86 32.46 16.70
N THR H 29 -13.58 32.68 16.97
CA THR H 29 -12.92 33.97 16.97
C THR H 29 -12.54 34.43 15.56
N ALA H 30 -13.03 33.72 14.55
CA ALA H 30 -12.70 34.01 13.15
C ALA H 30 -12.71 35.50 12.80
N ASP H 31 -13.66 36.21 13.37
CA ASP H 31 -13.91 37.63 13.12
C ASP H 31 -13.00 38.56 13.92
N HIS H 32 -12.06 37.99 14.67
CA HIS H 32 -11.08 38.78 15.42
C HIS H 32 -9.70 38.15 15.45
N PRO H 33 -9.03 38.05 14.29
CA PRO H 33 -7.74 37.34 14.26
C PRO H 33 -6.62 38.05 15.01
N GLU H 34 -6.88 38.32 16.27
CA GLU H 34 -5.98 39.02 17.16
C GLU H 34 -5.97 38.18 18.41
N VAL H 35 -7.19 37.88 18.86
CA VAL H 35 -7.45 37.06 20.04
C VAL H 35 -6.65 35.76 20.06
N VAL H 36 -6.69 35.02 18.97
CA VAL H 36 -6.01 33.76 19.00
C VAL H 36 -4.51 33.97 19.15
N PRO H 37 -3.89 34.78 18.29
CA PRO H 37 -2.47 34.92 18.62
C PRO H 37 -2.14 35.67 19.93
N PHE H 38 -3.05 36.50 20.46
CA PHE H 38 -2.80 37.13 21.76
C PHE H 38 -2.84 36.11 22.88
N LEU H 39 -3.70 35.11 22.73
CA LEU H 39 -3.81 34.01 23.69
C LEU H 39 -2.59 33.12 23.57
N TYR H 40 -2.22 32.82 22.32
CA TYR H 40 -1.09 31.95 22.04
C TYR H 40 0.21 32.48 22.67
N ASN H 41 0.33 33.81 22.75
CA ASN H 41 1.53 34.40 23.29
C ASN H 41 1.46 34.69 24.77
N ARG H 42 0.27 34.59 25.34
CA ARG H 42 0.15 34.67 26.79
C ARG H 42 0.82 33.46 27.36
N GLN H 43 0.83 32.40 26.56
CA GLN H 43 1.49 31.13 26.92
C GLN H 43 3.01 31.18 26.82
N GLN H 44 3.51 31.45 25.62
CA GLN H 44 4.94 31.51 25.39
C GLN H 44 5.66 32.34 26.46
N ARG H 45 5.22 33.59 26.65
CA ARG H 45 5.79 34.53 27.63
C ARG H 45 5.70 33.97 29.05
N ALA H 46 4.77 33.05 29.29
CA ALA H 46 4.48 32.64 30.66
C ALA H 46 5.56 31.77 31.28
N HIS H 47 5.36 31.47 32.56
CA HIS H 47 6.47 30.98 33.39
C HIS H 47 7.04 29.64 32.95
N SER H 48 8.36 29.57 32.94
CA SER H 48 9.09 28.38 32.52
C SER H 48 8.54 27.12 33.27
N LEU H 49 7.99 27.37 34.46
CA LEU H 49 7.55 26.32 35.40
C LEU H 49 6.03 26.13 35.46
N PHE H 50 5.32 27.22 35.77
CA PHE H 50 3.85 27.22 35.89
C PHE H 50 3.12 26.61 34.68
N LEU H 51 3.76 26.65 33.51
CA LEU H 51 3.31 25.88 32.36
C LEU H 51 3.40 24.36 32.59
N ALA H 52 4.33 23.95 33.44
CA ALA H 52 4.50 22.54 33.74
C ALA H 52 3.72 22.15 34.99
N SER H 53 2.97 23.10 35.53
CA SER H 53 2.30 22.92 36.83
C SER H 53 1.00 22.15 36.79
N ALA H 54 0.74 21.42 37.86
CA ALA H 54 -0.51 20.67 37.96
C ALA H 54 -1.67 21.62 38.18
N GLU H 55 -1.37 22.81 38.71
CA GLU H 55 -2.36 23.88 38.83
C GLU H 55 -2.87 24.24 37.43
N PHE H 56 -1.94 24.52 36.52
CA PHE H 56 -2.26 24.95 35.15
C PHE H 56 -3.11 23.94 34.42
N CYS H 57 -3.08 22.70 34.90
CA CYS H 57 -3.80 21.61 34.24
C CYS H 57 -5.29 21.71 34.47
N ASN H 58 -5.69 21.82 35.74
CA ASN H 58 -7.09 21.88 36.07
C ASN H 58 -7.72 23.19 35.61
N ILE H 59 -6.92 24.25 35.62
CA ILE H 59 -7.35 25.50 35.02
C ILE H 59 -7.70 25.27 33.57
N LEU H 60 -6.75 24.72 32.82
CA LEU H 60 -6.91 24.50 31.40
C LEU H 60 -8.09 23.59 31.05
N SER H 61 -8.32 22.55 31.86
CA SER H 61 -9.41 21.63 31.60
C SER H 61 -10.75 22.25 31.97
N ARG H 62 -10.79 22.93 33.11
CA ARG H 62 -12.04 23.54 33.56
C ARG H 62 -12.56 24.58 32.57
N VAL H 63 -11.69 25.45 32.05
CA VAL H 63 -12.14 26.37 31.01
C VAL H 63 -12.60 25.60 29.79
N LEU H 64 -11.82 24.60 29.39
CA LEU H 64 -12.23 23.68 28.34
C LEU H 64 -13.58 23.03 28.61
N SER H 65 -13.85 22.73 29.89
CA SER H 65 -15.13 22.17 30.26
C SER H 65 -16.22 23.18 29.99
N ARG H 66 -16.04 24.36 30.57
CA ARG H 66 -17.02 25.43 30.49
C ARG H 66 -17.13 25.93 29.07
N ALA H 67 -16.00 26.12 28.38
CA ALA H 67 -16.01 26.56 26.98
C ALA H 67 -16.87 25.69 26.09
N ARG H 68 -16.85 24.39 26.36
CA ARG H 68 -17.70 23.43 25.65
C ARG H 68 -19.13 23.46 26.21
N SER H 69 -19.26 23.46 27.53
CA SER H 69 -20.57 23.51 28.18
C SER H 69 -21.40 24.71 27.72
N ARG H 70 -20.91 25.90 28.02
CA ARG H 70 -21.59 27.14 27.67
C ARG H 70 -20.67 27.98 26.79
N PRO H 71 -20.75 27.79 25.45
CA PRO H 71 -19.97 28.49 24.43
C PRO H 71 -20.37 29.96 24.28
N ALA H 72 -21.62 30.29 24.62
CA ALA H 72 -22.10 31.66 24.60
C ALA H 72 -21.29 32.53 25.56
N LYS H 73 -20.64 31.87 26.52
CA LYS H 73 -19.76 32.52 27.49
C LYS H 73 -18.25 32.52 27.18
N LEU H 74 -17.90 32.15 25.95
CA LEU H 74 -16.50 31.96 25.52
C LEU H 74 -15.48 33.01 26.03
N TYR H 75 -15.64 34.28 25.67
CA TYR H 75 -14.62 35.27 26.03
C TYR H 75 -14.44 35.43 27.53
N VAL H 76 -15.44 35.04 28.31
CA VAL H 76 -15.28 35.09 29.75
C VAL H 76 -14.14 34.13 30.08
N TYR H 77 -14.21 32.97 29.41
CA TYR H 77 -13.22 31.89 29.55
C TYR H 77 -11.84 32.22 28.94
N ILE H 78 -11.79 32.68 27.68
CA ILE H 78 -10.55 33.23 27.11
C ILE H 78 -9.90 34.24 28.05
N ASN H 79 -10.72 35.11 28.59
CA ASN H 79 -10.25 36.14 29.49
C ASN H 79 -9.64 35.52 30.74
N GLU H 80 -10.33 34.50 31.24
CA GLU H 80 -9.97 33.87 32.50
C GLU H 80 -8.58 33.32 32.33
N LEU H 81 -8.30 32.79 31.14
CA LEU H 81 -7.03 32.14 30.85
C LEU H 81 -5.90 33.15 30.71
N CYS H 82 -6.17 34.20 29.93
CA CYS H 82 -5.21 35.30 29.75
C CYS H 82 -4.77 35.89 31.09
N THR H 83 -5.72 36.11 32.01
CA THR H 83 -5.41 36.58 33.36
C THR H 83 -4.39 35.69 34.08
N VAL H 84 -4.54 34.38 33.93
CA VAL H 84 -3.71 33.41 34.64
C VAL H 84 -2.36 33.36 33.99
N LEU H 85 -2.35 33.52 32.67
CA LEU H 85 -1.10 33.46 31.92
C LEU H 85 -0.32 34.76 32.00
N LYS H 86 -1.02 35.88 32.15
CA LYS H 86 -0.36 37.17 32.34
C LYS H 86 0.28 37.21 33.72
N ALA H 87 -0.36 36.56 34.69
CA ALA H 87 0.10 36.63 36.08
C ALA H 87 1.44 35.95 36.31
N HIS H 88 1.77 35.03 35.39
CA HIS H 88 3.03 34.30 35.45
C HIS H 88 3.81 34.57 34.17
N SER H 89 4.94 35.26 34.27
CA SER H 89 5.75 35.63 33.10
C SER H 89 7.21 35.87 33.47
N ALA H 90 8.00 36.37 32.52
CA ALA H 90 9.25 37.05 32.83
C ALA H 90 9.35 38.44 32.19
N LYS H 91 9.63 38.45 30.89
CA LYS H 91 9.69 39.67 30.06
C LYS H 91 10.06 39.32 28.61
N ASP H 97 15.28 43.76 19.46
CA ASP H 97 16.52 43.50 18.72
C ASP H 97 16.48 43.99 17.26
N PRO H 98 17.51 44.75 16.86
CA PRO H 98 17.60 45.51 15.61
C PRO H 98 17.43 44.67 14.34
N GLU H 99 18.14 43.55 14.30
CA GLU H 99 18.20 42.71 13.11
C GLU H 99 16.79 42.34 12.62
N ASN H 100 15.87 42.18 13.56
CA ASN H 100 14.49 41.83 13.25
C ASN H 100 13.71 43.06 12.77
N ARG H 101 13.84 44.16 13.52
CA ARG H 101 13.07 45.38 13.28
C ARG H 101 13.25 45.95 11.87
N ILE H 102 14.51 45.96 11.40
CA ILE H 102 14.80 46.34 10.01
C ILE H 102 14.13 45.40 9.03
N ALA H 103 14.31 44.10 9.26
CA ALA H 103 13.76 43.06 8.41
C ALA H 103 12.24 43.13 8.41
N LYS H 104 11.66 43.34 9.59
CA LYS H 104 10.22 43.54 9.71
C LYS H 104 9.77 44.75 8.89
N LYS H 105 10.61 45.78 8.89
CA LYS H 105 10.25 47.04 8.25
C LYS H 105 10.22 46.89 6.74
N MET H 106 11.38 46.67 6.14
CA MET H 106 11.47 46.57 4.67
C MET H 106 10.43 45.58 4.09
N LEU H 107 10.15 44.49 4.81
CA LEU H 107 9.15 43.53 4.34
C LEU H 107 7.77 44.15 4.42
N LEU H 108 7.53 44.91 5.48
CA LEU H 108 6.22 45.54 5.64
C LEU H 108 6.02 46.58 4.56
N GLU H 109 7.14 47.16 4.10
CA GLU H 109 7.17 48.05 2.95
C GLU H 109 7.05 47.29 1.64
N GLU H 110 7.88 46.26 1.46
CA GLU H 110 7.85 45.39 0.28
C GLU H 110 6.44 44.85 -0.02
N ILE H 111 5.65 44.62 1.02
CA ILE H 111 4.26 44.23 0.84
C ILE H 111 3.37 45.41 0.47
N LYS H 112 3.61 46.54 1.14
CA LYS H 112 2.89 47.80 0.90
C LYS H 112 3.02 48.28 -0.54
N ALA H 113 4.24 48.21 -1.07
CA ALA H 113 4.51 48.54 -2.46
C ALA H 113 3.64 47.72 -3.40
N ASN H 114 3.85 46.40 -3.43
CA ASN H 114 3.16 45.53 -4.40
C ASN H 114 1.64 45.52 -4.29
N LEU H 115 1.11 46.23 -3.29
CA LEU H 115 -0.31 46.56 -3.25
C LEU H 115 -0.80 47.11 -4.59
N CYS I 9 -26.86 4.65 11.20
CA CYS I 9 -26.69 5.98 10.65
C CYS I 9 -25.26 6.21 10.15
N TYR I 10 -25.10 7.24 9.33
CA TYR I 10 -23.81 7.61 8.72
C TYR I 10 -22.99 8.68 9.45
N LYS I 11 -23.41 9.02 10.67
CA LYS I 11 -22.82 10.12 11.46
C LYS I 11 -21.27 10.20 11.50
N LEU I 12 -20.62 9.26 12.18
CA LEU I 12 -19.18 9.35 12.43
C LEU I 12 -18.33 9.18 11.17
N GLU I 13 -18.94 8.66 10.11
CA GLU I 13 -18.26 8.54 8.83
C GLU I 13 -18.25 9.90 8.15
N ASN I 14 -19.30 10.68 8.42
CA ASN I 14 -19.43 12.01 7.88
C ASN I 14 -18.52 12.98 8.60
N GLU I 15 -18.33 12.73 9.89
CA GLU I 15 -17.40 13.50 10.70
C GLU I 15 -16.05 13.46 10.02
N LYS I 16 -15.54 12.24 9.86
CA LYS I 16 -14.19 12.00 9.38
C LYS I 16 -14.04 12.48 7.95
N LEU I 17 -15.14 12.45 7.21
CA LEU I 17 -15.18 12.89 5.83
C LEU I 17 -15.20 14.41 5.71
N PHE I 18 -15.95 15.07 6.59
CA PHE I 18 -15.96 16.53 6.60
C PHE I 18 -14.60 17.04 6.99
N GLU I 19 -14.04 16.46 8.05
CA GLU I 19 -12.80 16.96 8.61
C GLU I 19 -11.64 16.82 7.65
N GLU I 20 -11.79 15.95 6.66
CA GLU I 20 -10.79 15.81 5.63
C GLU I 20 -10.85 17.04 4.78
N PHE I 21 -12.06 17.38 4.37
CA PHE I 21 -12.29 18.56 3.55
C PHE I 21 -11.87 19.83 4.29
N LEU I 22 -12.20 19.90 5.59
CA LEU I 22 -11.79 21.01 6.45
C LEU I 22 -10.28 21.20 6.45
N GLU I 23 -9.55 20.09 6.54
CA GLU I 23 -8.09 20.14 6.59
C GLU I 23 -7.46 20.41 5.22
N LEU I 24 -8.16 19.98 4.18
CA LEU I 24 -7.80 20.28 2.80
C LEU I 24 -7.79 21.77 2.60
N CYS I 25 -8.79 22.42 3.18
CA CYS I 25 -8.95 23.84 3.05
C CYS I 25 -7.93 24.63 3.88
N LYS I 26 -7.64 24.20 5.11
CA LYS I 26 -6.71 24.95 5.95
C LYS I 26 -5.41 25.22 5.21
N MET I 27 -5.02 24.27 4.38
CA MET I 27 -3.82 24.43 3.60
C MET I 27 -4.05 25.37 2.43
N GLN I 28 -5.16 25.19 1.73
CA GLN I 28 -5.41 25.87 0.47
C GLN I 28 -6.21 27.18 0.49
N THR I 29 -6.81 27.54 1.61
CA THR I 29 -7.10 28.96 1.83
C THR I 29 -6.41 29.42 3.12
N ALA I 30 -5.14 29.84 3.03
CA ALA I 30 -4.45 30.35 4.22
C ALA I 30 -4.31 31.86 4.17
N ASP I 31 -4.68 32.39 3.00
CA ASP I 31 -4.60 33.79 2.68
C ASP I 31 -5.97 34.38 2.89
N HIS I 32 -6.87 33.55 3.39
CA HIS I 32 -8.22 33.97 3.76
C HIS I 32 -8.69 33.23 4.99
N PRO I 33 -8.07 33.51 6.13
CA PRO I 33 -8.25 32.73 7.37
C PRO I 33 -9.69 32.63 7.84
N GLU I 34 -10.62 33.41 7.30
CA GLU I 34 -12.03 33.37 7.73
C GLU I 34 -12.90 32.37 6.97
N VAL I 35 -12.35 31.71 5.95
CA VAL I 35 -13.13 30.80 5.11
C VAL I 35 -13.35 29.45 5.81
N VAL I 36 -12.34 29.02 6.55
CA VAL I 36 -12.46 27.79 7.31
C VAL I 36 -13.42 27.86 8.53
N PRO I 37 -13.26 28.88 9.41
CA PRO I 37 -14.17 28.81 10.57
C PRO I 37 -15.59 29.13 10.17
N PHE I 38 -15.73 29.73 9.01
CA PHE I 38 -17.03 29.87 8.38
C PHE I 38 -17.63 28.50 8.08
N LEU I 39 -16.97 27.77 7.18
CA LEU I 39 -17.31 26.39 6.80
C LEU I 39 -17.52 25.48 7.99
N TYR I 40 -16.63 25.61 8.97
CA TYR I 40 -16.70 24.83 10.18
C TYR I 40 -18.06 24.98 10.81
N ASN I 41 -18.57 26.21 10.79
CA ASN I 41 -19.79 26.54 11.49
C ASN I 41 -21.09 26.24 10.75
N ARG I 42 -21.06 26.27 9.42
CA ARG I 42 -22.22 25.83 8.67
C ARG I 42 -22.51 24.39 9.06
N GLN I 43 -21.43 23.63 9.24
CA GLN I 43 -21.46 22.24 9.72
C GLN I 43 -21.98 22.14 11.14
N GLN I 44 -21.71 23.16 11.95
CA GLN I 44 -22.27 23.21 13.29
C GLN I 44 -23.75 23.61 13.25
N ARG I 45 -24.08 24.64 12.46
CA ARG I 45 -25.47 25.11 12.39
C ARG I 45 -26.40 24.05 11.79
N ALA I 46 -25.83 23.01 11.19
CA ALA I 46 -26.65 22.07 10.41
C ALA I 46 -27.54 21.26 11.33
N HIS I 47 -28.43 20.47 10.73
CA HIS I 47 -29.47 19.84 11.52
C HIS I 47 -28.89 18.67 12.28
N SER I 48 -29.60 18.29 13.34
CA SER I 48 -29.22 17.12 14.11
C SER I 48 -29.04 15.88 13.20
N LEU I 49 -30.06 15.54 12.42
CA LEU I 49 -30.02 14.31 11.59
C LEU I 49 -29.29 14.38 10.24
N PHE I 50 -29.36 15.50 9.54
CA PHE I 50 -28.79 15.58 8.20
C PHE I 50 -27.29 15.26 8.24
N LEU I 51 -26.70 15.48 9.41
CA LEU I 51 -25.30 15.18 9.62
C LEU I 51 -25.04 13.68 9.73
N ALA I 52 -26.09 12.95 10.08
CA ALA I 52 -26.00 11.51 10.11
C ALA I 52 -26.43 10.93 8.77
N SER I 53 -26.89 11.81 7.88
CA SER I 53 -27.60 11.36 6.70
C SER I 53 -26.78 10.53 5.74
N ALA I 54 -27.47 9.59 5.10
CA ALA I 54 -26.91 8.80 4.03
C ALA I 54 -26.54 9.73 2.88
N GLU I 55 -27.46 10.64 2.55
CA GLU I 55 -27.26 11.62 1.48
C GLU I 55 -26.01 12.46 1.65
N PHE I 56 -25.88 13.04 2.84
CA PHE I 56 -24.78 13.97 3.14
C PHE I 56 -23.42 13.27 3.09
N CYS I 57 -23.44 11.94 3.14
CA CYS I 57 -22.21 11.18 3.02
C CYS I 57 -21.69 11.21 1.59
N ASN I 58 -22.60 11.21 0.64
CA ASN I 58 -22.21 11.25 -0.76
C ASN I 58 -21.81 12.64 -1.16
N ILE I 59 -22.46 13.63 -0.58
CA ILE I 59 -22.15 15.02 -0.83
C ILE I 59 -20.69 15.29 -0.51
N LEU I 60 -20.28 14.99 0.73
CA LEU I 60 -18.90 15.18 1.14
C LEU I 60 -17.89 14.40 0.30
N SER I 61 -18.34 13.28 -0.26
CA SER I 61 -17.46 12.49 -1.11
C SER I 61 -17.20 13.19 -2.45
N ARG I 62 -18.27 13.59 -3.15
CA ARG I 62 -18.11 14.22 -4.45
C ARG I 62 -17.29 15.50 -4.34
N VAL I 63 -17.54 16.29 -3.30
CA VAL I 63 -16.76 17.52 -3.12
C VAL I 63 -15.33 17.14 -2.80
N LEU I 64 -15.13 16.01 -2.16
CA LEU I 64 -13.79 15.62 -1.78
C LEU I 64 -13.03 15.05 -2.96
N SER I 65 -13.76 14.39 -3.86
CA SER I 65 -13.13 13.82 -5.04
C SER I 65 -12.84 14.95 -6.01
N ARG I 66 -13.82 15.85 -6.14
CA ARG I 66 -13.69 16.98 -7.07
C ARG I 66 -12.68 18.02 -6.58
N ALA I 67 -12.50 18.12 -5.26
CA ALA I 67 -11.53 19.06 -4.71
C ALA I 67 -10.11 18.56 -4.92
N ARG I 68 -9.94 17.24 -4.89
CA ARG I 68 -8.62 16.64 -5.10
C ARG I 68 -8.36 16.59 -6.60
N SER I 69 -9.41 16.35 -7.36
CA SER I 69 -9.34 16.23 -8.82
C SER I 69 -8.98 17.55 -9.51
N ARG I 70 -9.82 18.57 -9.31
CA ARG I 70 -9.64 19.87 -9.95
C ARG I 70 -9.54 20.93 -8.86
N PRO I 71 -8.32 21.14 -8.34
CA PRO I 71 -8.10 22.04 -7.21
C PRO I 71 -8.26 23.53 -7.58
N ALA I 72 -8.06 23.86 -8.84
CA ALA I 72 -8.21 25.25 -9.31
C ALA I 72 -9.65 25.71 -9.11
N LYS I 73 -10.56 24.76 -8.99
CA LYS I 73 -11.97 25.01 -8.71
C LYS I 73 -12.43 24.97 -7.23
N LEU I 74 -11.49 24.97 -6.29
CA LEU I 74 -11.77 24.73 -4.87
C LEU I 74 -12.98 25.46 -4.29
N TYR I 75 -13.03 26.76 -4.54
CA TYR I 75 -14.07 27.63 -3.97
C TYR I 75 -15.43 27.39 -4.62
N VAL I 76 -15.46 26.68 -5.75
CA VAL I 76 -16.74 26.25 -6.32
C VAL I 76 -17.33 25.31 -5.30
N TYR I 77 -16.47 24.45 -4.78
CA TYR I 77 -16.92 23.36 -3.92
C TYR I 77 -17.15 23.86 -2.49
N ILE I 78 -16.26 24.72 -2.00
CA ILE I 78 -16.45 25.26 -0.65
C ILE I 78 -17.78 26.01 -0.59
N ASN I 79 -18.20 26.51 -1.75
CA ASN I 79 -19.45 27.23 -1.89
C ASN I 79 -20.54 26.21 -1.82
N GLU I 80 -20.56 25.32 -2.79
CA GLU I 80 -21.61 24.32 -2.95
C GLU I 80 -21.85 23.56 -1.65
N LEU I 81 -20.78 23.28 -0.92
CA LEU I 81 -20.88 22.60 0.37
C LEU I 81 -21.53 23.48 1.45
N CYS I 82 -21.26 24.78 1.41
CA CYS I 82 -21.93 25.71 2.29
C CYS I 82 -23.42 25.92 1.91
N THR I 83 -23.69 26.04 0.60
CA THR I 83 -25.05 26.18 0.09
C THR I 83 -25.94 25.13 0.74
N VAL I 84 -25.44 23.90 0.81
CA VAL I 84 -26.19 22.79 1.37
C VAL I 84 -26.33 22.86 2.88
N LEU I 85 -25.21 23.06 3.55
CA LEU I 85 -25.20 23.08 5.00
C LEU I 85 -26.04 24.22 5.59
N LYS I 86 -26.32 25.24 4.78
CA LYS I 86 -27.21 26.33 5.20
C LYS I 86 -28.67 25.90 5.04
N ALA I 87 -28.91 25.07 4.03
CA ALA I 87 -30.26 24.57 3.75
C ALA I 87 -30.79 23.69 4.89
N HIS I 88 -29.95 23.44 5.88
CA HIS I 88 -30.34 22.71 7.09
C HIS I 88 -29.84 23.51 8.30
N SER I 89 -30.75 23.98 9.15
CA SER I 89 -30.31 24.87 10.22
C SER I 89 -31.19 24.98 11.47
N ALA I 90 -30.84 25.97 12.29
CA ALA I 90 -31.43 26.21 13.61
C ALA I 90 -31.25 27.68 14.01
N LYS I 91 -31.46 27.97 15.30
CA LYS I 91 -31.18 29.29 15.88
C LYS I 91 -29.69 29.59 15.91
N ASN I 96 -25.53 37.84 21.88
CA ASN I 96 -26.77 37.49 22.57
C ASN I 96 -26.60 37.09 24.03
N ASP I 97 -25.45 37.41 24.61
CA ASP I 97 -25.23 37.22 26.04
C ASP I 97 -24.52 38.45 26.61
N PRO I 98 -24.94 38.90 27.82
CA PRO I 98 -24.27 39.95 28.59
C PRO I 98 -22.95 39.37 29.06
N GLU I 99 -22.21 39.98 29.98
CA GLU I 99 -20.96 39.33 30.35
C GLU I 99 -20.09 39.22 29.11
N ASN I 100 -20.14 38.07 28.45
CA ASN I 100 -19.37 37.82 27.23
C ASN I 100 -19.34 39.01 26.25
N ARG I 101 -20.44 39.73 26.10
CA ARG I 101 -20.47 41.02 25.39
C ARG I 101 -19.37 41.96 25.88
N ILE I 102 -19.28 42.07 27.21
CA ILE I 102 -18.37 42.94 27.93
C ILE I 102 -16.95 42.42 27.88
N ALA I 103 -16.77 41.14 28.23
CA ALA I 103 -15.47 40.48 28.23
C ALA I 103 -14.82 40.49 26.85
N LYS I 104 -15.62 40.33 25.81
CA LYS I 104 -15.12 40.51 24.44
C LYS I 104 -14.54 41.90 24.21
N LYS I 105 -15.34 42.93 24.49
CA LYS I 105 -14.90 44.32 24.33
C LYS I 105 -13.66 44.63 25.15
N MET I 106 -13.67 44.19 26.40
CA MET I 106 -12.55 44.40 27.31
C MET I 106 -11.27 43.82 26.78
N LEU I 107 -11.35 42.55 26.38
CA LEU I 107 -10.19 41.82 25.90
C LEU I 107 -9.71 42.40 24.59
N LEU I 108 -10.64 42.63 23.66
CA LEU I 108 -10.34 43.26 22.38
C LEU I 108 -9.65 44.63 22.55
N GLU I 109 -10.06 45.36 23.58
CA GLU I 109 -9.35 46.55 24.03
C GLU I 109 -7.92 46.23 24.41
N GLU I 110 -7.77 45.42 25.45
CA GLU I 110 -6.46 45.11 26.02
C GLU I 110 -5.43 44.57 25.03
N ILE I 111 -5.89 44.02 23.91
CA ILE I 111 -4.97 43.67 22.82
C ILE I 111 -4.58 44.95 22.10
N LYS I 112 -5.58 45.77 21.78
CA LYS I 112 -5.34 47.06 21.11
C LYS I 112 -4.34 47.93 21.89
N ALA I 113 -4.32 47.78 23.21
CA ALA I 113 -3.34 48.43 24.06
C ALA I 113 -1.92 47.94 23.76
N ASN I 114 -1.75 46.62 23.75
CA ASN I 114 -0.43 45.98 23.61
C ASN I 114 0.29 46.21 22.28
N LEU I 115 -0.42 46.77 21.31
CA LEU I 115 0.18 47.15 20.05
C LEU I 115 1.28 48.21 20.28
#